data_1J31
#
_entry.id   1J31
#
_cell.length_a   75.037
_cell.length_b   89.021
_cell.length_c   77.871
_cell.angle_alpha   90.00
_cell.angle_beta   96.15
_cell.angle_gamma   90.00
#
_symmetry.space_group_name_H-M   'P 1 21 1'
#
loop_
_entity.id
_entity.type
_entity.pdbx_description
1 polymer 'Hypothetical protein PH0642'
2 non-polymer 'ACETATE ION'
3 water water
#
_entity_poly.entity_id   1
_entity_poly.type   'polypeptide(L)'
_entity_poly.pdbx_seq_one_letter_code
;(MSE)VKVGYIQ(MSE)EPKILELDKNYSKAEKLIKEASKEGAKLVVLPELFDTGYNFESREEVFDVAQQIPEGETTTFL
(MSE)ELARELGLYIVAGTAEKSGNYLYNSAVVVGPRGYIGKYRKIHLFYREKVFFEPGDLGFKVFDIGFAKVGV(MSE)
ICFDWFFPESARTLALKGAEIIAHPANLV(MSE)PYAPRA(MSE)PIRALENRVYTITADRVGEERGLKFIGKSLIASPK
AEVLSIASETEEEIGVVEIDLNLARNKRLND(MSE)NDIFKDRREEYYFR
;
_entity_poly.pdbx_strand_id   A,B,C,D
#
# COMPACT_ATOMS: atom_id res chain seq x y z
N VAL A 2 19.04 18.53 -7.94
CA VAL A 2 19.32 18.92 -6.57
C VAL A 2 20.45 18.07 -6.09
N LYS A 3 21.30 18.66 -5.26
CA LYS A 3 22.43 17.96 -4.69
C LYS A 3 22.05 17.27 -3.39
N VAL A 4 22.50 16.02 -3.26
CA VAL A 4 22.24 15.21 -2.06
C VAL A 4 23.53 14.49 -1.71
N GLY A 5 23.64 14.00 -0.49
CA GLY A 5 24.87 13.33 -0.14
C GLY A 5 24.81 12.41 1.05
N TYR A 6 25.84 11.57 1.18
CA TYR A 6 25.98 10.71 2.34
C TYR A 6 27.11 11.27 3.21
N ILE A 7 27.01 11.00 4.49
CA ILE A 7 28.03 11.38 5.47
C ILE A 7 28.62 10.04 5.95
N GLN A 8 29.85 9.71 5.54
CA GLN A 8 30.48 8.46 5.98
C GLN A 8 31.35 8.83 7.16
N GLU A 10 32.74 7.80 11.46
CA GLU A 10 33.08 6.73 12.38
C GLU A 10 32.59 7.00 13.80
N PRO A 11 31.38 6.50 14.12
CA PRO A 11 30.90 6.71 15.49
C PRO A 11 31.81 6.06 16.53
N LYS A 12 31.93 6.69 17.70
CA LYS A 12 32.69 6.14 18.82
C LYS A 12 31.61 5.59 19.73
N ILE A 13 31.63 4.30 20.00
CA ILE A 13 30.56 3.71 20.82
C ILE A 13 30.32 4.40 22.17
N LEU A 14 29.05 4.76 22.40
CA LEU A 14 28.58 5.43 23.63
C LEU A 14 29.01 6.89 23.85
N GLU A 15 29.75 7.47 22.91
CA GLU A 15 30.22 8.85 23.07
C GLU A 15 29.36 9.80 22.22
N LEU A 16 28.12 10.01 22.66
CA LEU A 16 27.17 10.85 21.94
C LEU A 16 27.70 12.21 21.54
N ASP A 17 28.26 12.96 22.48
CA ASP A 17 28.74 14.28 22.15
C ASP A 17 29.82 14.32 21.09
N LYS A 18 30.75 13.38 21.16
CA LYS A 18 31.82 13.32 20.16
C LYS A 18 31.22 12.98 18.80
N ASN A 19 30.21 12.10 18.78
CA ASN A 19 29.58 11.73 17.51
C ASN A 19 28.79 12.89 16.93
N TYR A 20 28.16 13.70 17.78
CA TYR A 20 27.45 14.86 17.30
C TYR A 20 28.48 15.85 16.70
N SER A 21 29.60 16.06 17.40
CA SER A 21 30.60 17.00 16.88
C SER A 21 31.09 16.57 15.49
N LYS A 22 31.35 15.27 15.34
CA LYS A 22 31.84 14.75 14.05
C LYS A 22 30.77 14.89 12.95
N ALA A 23 29.53 14.54 13.27
CA ALA A 23 28.44 14.70 12.31
C ALA A 23 28.32 16.18 11.88
N GLU A 24 28.37 17.07 12.86
CA GLU A 24 28.28 18.49 12.53
C GLU A 24 29.39 18.95 11.60
N LYS A 25 30.63 18.54 11.88
CA LYS A 25 31.74 18.95 11.01
C LYS A 25 31.51 18.48 9.57
N LEU A 26 31.14 17.22 9.40
CA LEU A 26 30.94 16.70 8.06
C LEU A 26 29.68 17.24 7.38
N ILE A 27 28.59 17.43 8.13
CA ILE A 27 27.37 17.96 7.53
C ILE A 27 27.62 19.42 7.09
N LYS A 28 28.40 20.17 7.89
CA LYS A 28 28.71 21.53 7.46
C LYS A 28 29.51 21.52 6.16
N GLU A 29 30.43 20.57 6.04
CA GLU A 29 31.20 20.46 4.80
C GLU A 29 30.25 20.15 3.63
N ALA A 30 29.29 19.23 3.83
CA ALA A 30 28.37 18.88 2.76
C ALA A 30 27.49 20.08 2.37
N SER A 31 27.09 20.84 3.39
CA SER A 31 26.27 22.03 3.18
C SER A 31 27.03 23.02 2.27
N LYS A 32 28.31 23.23 2.56
CA LYS A 32 29.17 24.12 1.75
C LYS A 32 29.27 23.65 0.29
N GLU A 33 29.18 22.33 0.08
CA GLU A 33 29.21 21.78 -1.28
C GLU A 33 27.83 21.87 -1.93
N GLY A 34 26.85 22.37 -1.19
CA GLY A 34 25.52 22.54 -1.77
C GLY A 34 24.47 21.47 -1.53
N ALA A 35 24.79 20.46 -0.72
CA ALA A 35 23.82 19.42 -0.45
C ALA A 35 22.57 19.97 0.20
N LYS A 36 21.40 19.50 -0.28
CA LYS A 36 20.12 19.93 0.30
C LYS A 36 19.50 18.81 1.15
N LEU A 37 20.06 17.60 1.02
CA LEU A 37 19.63 16.44 1.80
C LEU A 37 20.91 15.67 2.11
N VAL A 38 21.12 15.33 3.38
CA VAL A 38 22.29 14.51 3.78
C VAL A 38 21.78 13.34 4.62
N VAL A 39 22.48 12.21 4.49
CA VAL A 39 22.15 10.98 5.21
C VAL A 39 23.30 10.56 6.08
N LEU A 40 23.04 10.28 7.37
CA LEU A 40 24.07 9.81 8.31
C LEU A 40 23.89 8.30 8.50
N PRO A 41 24.92 7.59 9.00
CA PRO A 41 24.82 6.14 9.20
C PRO A 41 23.81 5.70 10.23
N GLU A 42 23.58 4.39 10.23
CA GLU A 42 22.75 3.77 11.23
C GLU A 42 23.41 4.02 12.61
N LEU A 43 22.58 4.19 13.64
CA LEU A 43 23.09 4.39 15.01
C LEU A 43 24.34 5.27 15.03
N PHE A 44 24.27 6.44 14.39
CA PHE A 44 25.49 7.27 14.32
C PHE A 44 25.83 7.88 15.67
N ASP A 45 24.81 8.06 16.49
CA ASP A 45 25.00 8.66 17.80
C ASP A 45 25.53 7.74 18.90
N THR A 46 25.08 6.50 18.93
CA THR A 46 25.46 5.57 19.97
C THR A 46 26.53 4.55 19.60
N GLY A 47 26.72 4.34 18.30
CA GLY A 47 27.61 3.27 17.92
C GLY A 47 26.73 2.01 17.86
N TYR A 48 27.35 0.86 17.62
CA TYR A 48 26.60 -0.35 17.34
C TYR A 48 26.76 -1.60 18.15
N ASN A 49 28.01 -1.98 18.41
CA ASN A 49 28.29 -3.29 19.00
C ASN A 49 28.21 -3.34 20.52
N PHE A 50 26.99 -3.20 21.02
CA PHE A 50 26.77 -3.19 22.45
C PHE A 50 27.03 -4.55 23.09
N GLU A 51 27.52 -4.51 24.33
CA GLU A 51 27.75 -5.76 25.03
C GLU A 51 26.55 -6.16 25.88
N SER A 52 25.67 -5.20 26.16
CA SER A 52 24.47 -5.48 26.94
C SER A 52 23.40 -4.48 26.55
N ARG A 53 22.15 -4.85 26.79
CA ARG A 53 21.05 -3.94 26.48
C ARG A 53 21.17 -2.71 27.38
N GLU A 54 21.67 -2.92 28.59
CA GLU A 54 21.80 -1.81 29.51
C GLU A 54 22.73 -0.70 29.03
N GLU A 55 23.84 -1.03 28.36
CA GLU A 55 24.69 0.10 28.00
C GLU A 55 24.05 0.99 26.94
N VAL A 56 23.26 0.44 26.03
CA VAL A 56 22.64 1.30 25.02
C VAL A 56 21.40 1.97 25.63
N PHE A 57 20.67 1.26 26.48
CA PHE A 57 19.50 1.86 27.08
C PHE A 57 19.89 3.11 27.87
N ASP A 58 21.03 3.07 28.53
CA ASP A 58 21.45 4.21 29.33
C ASP A 58 21.81 5.47 28.57
N VAL A 59 22.11 5.35 27.28
CA VAL A 59 22.45 6.54 26.50
C VAL A 59 21.42 6.90 25.42
N ALA A 60 20.53 5.96 25.09
CA ALA A 60 19.56 6.19 24.02
C ALA A 60 18.63 7.36 24.27
N GLN A 61 18.32 8.09 23.20
CA GLN A 61 17.48 9.27 23.32
C GLN A 61 16.08 9.09 22.77
N GLN A 62 15.16 9.84 23.36
CA GLN A 62 13.78 9.84 22.93
C GLN A 62 13.64 10.70 21.66
N ILE A 63 12.68 10.34 20.80
CA ILE A 63 12.38 11.11 19.58
C ILE A 63 10.96 11.70 19.74
N PRO A 64 10.76 12.99 19.40
CA PRO A 64 11.73 13.96 18.86
C PRO A 64 12.31 14.94 19.90
N GLU A 65 12.06 14.72 21.18
CA GLU A 65 12.54 15.68 22.17
C GLU A 65 13.91 15.39 22.77
N GLY A 66 14.47 14.23 22.47
CA GLY A 66 15.79 13.88 22.98
C GLY A 66 16.91 14.63 22.27
N GLU A 67 18.13 14.48 22.75
CA GLU A 67 19.28 15.24 22.23
C GLU A 67 19.64 15.01 20.77
N THR A 68 19.53 13.78 20.32
CA THR A 68 19.92 13.56 18.93
C THR A 68 19.01 14.29 17.96
N THR A 69 17.70 14.16 18.14
CA THR A 69 16.79 14.81 17.22
C THR A 69 16.88 16.32 17.38
N THR A 70 17.03 16.79 18.61
CA THR A 70 17.11 18.23 18.84
C THR A 70 18.35 18.84 18.17
N PHE A 71 19.47 18.14 18.32
CA PHE A 71 20.74 18.54 17.71
C PHE A 71 20.61 18.56 16.18
N LEU A 72 20.05 17.49 15.60
CA LEU A 72 19.93 17.49 14.15
C LEU A 72 18.98 18.59 13.65
N GLU A 74 18.64 21.45 14.89
CA GLU A 74 19.42 22.68 14.88
C GLU A 74 20.26 22.79 13.59
N LEU A 75 20.99 21.74 13.24
CA LEU A 75 21.76 21.80 12.00
C LEU A 75 20.88 22.07 10.78
N ALA A 76 19.74 21.38 10.70
CA ALA A 76 18.87 21.52 9.52
C ALA A 76 18.32 22.95 9.41
N ARG A 77 17.95 23.51 10.57
CA ARG A 77 17.39 24.86 10.69
C ARG A 77 18.45 25.91 10.32
N GLU A 78 19.64 25.74 10.87
CA GLU A 78 20.68 26.72 10.65
C GLU A 78 21.44 26.60 9.34
N LEU A 79 21.51 25.39 8.77
CA LEU A 79 22.18 25.25 7.50
C LEU A 79 21.20 25.25 6.32
N GLY A 80 19.92 25.00 6.58
CA GLY A 80 18.94 25.02 5.52
C GLY A 80 18.95 23.75 4.68
N LEU A 81 18.94 22.60 5.33
CA LEU A 81 18.94 21.34 4.58
C LEU A 81 18.15 20.30 5.33
N TYR A 82 17.93 19.16 4.69
CA TYR A 82 17.19 18.06 5.32
C TYR A 82 18.17 16.98 5.72
N ILE A 83 17.88 16.28 6.82
CA ILE A 83 18.77 15.23 7.32
C ILE A 83 18.01 13.98 7.68
N VAL A 84 18.55 12.83 7.26
CA VAL A 84 17.99 11.56 7.69
C VAL A 84 19.18 10.92 8.43
N ALA A 85 18.95 10.42 9.64
CA ALA A 85 20.04 9.84 10.45
C ALA A 85 19.60 8.67 11.31
N GLY A 86 20.45 7.64 11.36
CA GLY A 86 20.17 6.51 12.25
C GLY A 86 20.47 6.87 13.69
N THR A 87 19.59 6.45 14.59
CA THR A 87 19.74 6.76 16.03
C THR A 87 19.07 5.71 16.87
N ALA A 88 19.64 5.45 18.05
CA ALA A 88 19.04 4.50 18.96
C ALA A 88 17.86 5.26 19.61
N GLU A 89 16.64 4.71 19.48
CA GLU A 89 15.45 5.37 20.04
C GLU A 89 14.97 4.77 21.32
N LYS A 90 14.86 5.60 22.36
CA LYS A 90 14.30 5.12 23.62
C LYS A 90 12.82 5.53 23.60
N SER A 91 11.93 4.58 23.91
CA SER A 91 10.50 4.86 23.97
C SER A 91 9.98 4.09 25.18
N GLY A 92 9.89 4.78 26.31
CA GLY A 92 9.46 4.15 27.55
C GLY A 92 10.51 3.12 27.95
N ASN A 93 10.09 1.88 28.14
CA ASN A 93 11.00 0.83 28.54
C ASN A 93 11.61 0.16 27.31
N TYR A 94 11.19 0.59 26.13
CA TYR A 94 11.65 -0.04 24.90
C TYR A 94 12.69 0.73 24.10
N LEU A 95 13.38 -0.02 23.26
CA LEU A 95 14.41 0.54 22.39
C LEU A 95 14.12 0.13 20.96
N TYR A 96 14.29 1.05 20.02
CA TYR A 96 14.12 0.73 18.58
C TYR A 96 15.38 1.21 17.86
N ASN A 97 15.72 0.56 16.76
CA ASN A 97 16.89 0.93 15.94
C ASN A 97 16.21 1.82 14.93
N SER A 98 16.36 3.15 15.08
CA SER A 98 15.56 4.05 14.29
C SER A 98 16.26 5.04 13.40
N ALA A 99 15.47 5.74 12.62
CA ALA A 99 16.04 6.83 11.81
C ALA A 99 15.12 8.03 11.93
N VAL A 100 15.70 9.21 12.12
CA VAL A 100 14.90 10.44 12.20
C VAL A 100 15.08 11.28 10.96
N VAL A 101 14.03 12.00 10.60
CA VAL A 101 14.04 12.90 9.45
C VAL A 101 13.72 14.29 9.98
N VAL A 102 14.61 15.25 9.72
CA VAL A 102 14.36 16.62 10.16
C VAL A 102 14.64 17.56 8.98
N GLY A 103 14.05 18.75 9.01
CA GLY A 103 14.28 19.71 7.96
C GLY A 103 14.37 21.13 8.52
N PRO A 104 14.45 22.12 7.63
CA PRO A 104 14.57 23.51 8.06
C PRO A 104 13.46 24.04 8.97
N ARG A 105 12.29 23.39 8.95
CA ARG A 105 11.17 23.84 9.81
C ARG A 105 10.99 22.98 11.05
N GLY A 106 11.81 21.94 11.22
CA GLY A 106 11.70 21.12 12.41
C GLY A 106 11.63 19.62 12.13
N TYR A 107 11.17 18.88 13.13
CA TYR A 107 11.06 17.44 13.02
C TYR A 107 10.03 17.05 11.98
N ILE A 108 10.37 16.07 11.13
CA ILE A 108 9.45 15.63 10.09
C ILE A 108 8.88 14.25 10.42
N GLY A 109 9.71 13.35 10.90
CA GLY A 109 9.20 12.04 11.22
C GLY A 109 10.26 11.01 11.53
N LYS A 110 9.83 9.76 11.76
CA LYS A 110 10.80 8.72 12.10
C LYS A 110 10.40 7.36 11.49
N TYR A 111 11.39 6.49 11.39
CA TYR A 111 11.24 5.13 10.89
C TYR A 111 11.93 4.21 11.88
N ARG A 112 11.32 3.05 12.12
CA ARG A 112 11.89 2.05 13.03
C ARG A 112 12.24 0.81 12.21
N LYS A 113 13.51 0.38 12.27
CA LYS A 113 13.99 -0.77 11.47
C LYS A 113 13.08 -1.97 11.55
N ILE A 114 12.53 -2.35 10.41
CA ILE A 114 11.59 -3.48 10.34
C ILE A 114 12.27 -4.84 10.40
N HIS A 115 13.42 -4.99 9.75
CA HIS A 115 14.12 -6.29 9.72
C HIS A 115 15.39 -6.18 10.56
N LEU A 116 15.34 -6.65 11.81
CA LEU A 116 16.52 -6.58 12.66
C LEU A 116 17.57 -7.59 12.25
N PHE A 117 18.83 -7.21 12.44
CA PHE A 117 19.95 -8.05 12.05
C PHE A 117 20.75 -8.56 13.25
N TYR A 118 20.97 -9.86 13.26
CA TYR A 118 21.78 -10.50 14.26
C TYR A 118 21.54 -10.07 15.71
N ARG A 119 22.57 -9.60 16.41
CA ARG A 119 22.40 -9.25 17.83
C ARG A 119 21.48 -8.08 18.14
N GLU A 120 21.03 -7.36 17.11
CA GLU A 120 20.11 -6.27 17.35
C GLU A 120 18.85 -6.84 17.99
N LYS A 121 18.55 -8.11 17.71
CA LYS A 121 17.34 -8.73 18.26
C LYS A 121 17.38 -8.85 19.78
N VAL A 122 18.57 -8.75 20.36
CA VAL A 122 18.78 -8.85 21.81
C VAL A 122 18.47 -7.52 22.50
N PHE A 123 18.63 -6.43 21.76
CA PHE A 123 18.46 -5.08 22.31
C PHE A 123 17.24 -4.29 21.89
N PHE A 124 16.91 -4.41 20.62
CA PHE A 124 15.85 -3.63 20.01
C PHE A 124 14.59 -4.40 19.72
N GLU A 125 13.47 -3.68 19.78
CA GLU A 125 12.18 -4.27 19.42
C GLU A 125 12.08 -4.13 17.89
N PRO A 126 11.43 -5.08 17.22
CA PRO A 126 11.29 -4.94 15.77
C PRO A 126 10.45 -3.69 15.47
N GLY A 127 10.78 -3.02 14.36
CA GLY A 127 10.08 -1.82 13.95
C GLY A 127 8.60 -2.05 13.77
N ASP A 128 7.80 -1.03 14.09
CA ASP A 128 6.36 -1.19 13.99
C ASP A 128 5.61 -0.04 13.33
N LEU A 129 6.34 0.82 12.63
CA LEU A 129 5.70 1.94 11.96
C LEU A 129 5.53 1.71 10.46
N GLY A 130 6.02 0.57 9.95
CA GLY A 130 5.93 0.33 8.52
C GLY A 130 7.01 1.12 7.78
N PHE A 131 6.96 1.07 6.44
CA PHE A 131 7.92 1.78 5.58
C PHE A 131 7.27 3.10 5.18
N LYS A 132 7.82 4.19 5.69
CA LYS A 132 7.23 5.52 5.46
C LYS A 132 7.97 6.42 4.48
N VAL A 133 7.21 7.28 3.79
CA VAL A 133 7.79 8.24 2.84
C VAL A 133 7.51 9.64 3.39
N PHE A 134 8.53 10.49 3.37
CA PHE A 134 8.43 11.83 3.96
C PHE A 134 8.61 12.90 2.92
N ASP A 135 7.89 14.01 3.11
CA ASP A 135 7.91 15.14 2.20
C ASP A 135 9.02 16.11 2.62
N ILE A 136 10.01 16.33 1.75
CA ILE A 136 11.07 17.28 2.08
C ILE A 136 11.04 18.45 1.09
N GLY A 137 9.83 18.74 0.63
CA GLY A 137 9.58 19.88 -0.24
C GLY A 137 9.88 19.70 -1.70
N PHE A 138 11.16 19.54 -2.01
CA PHE A 138 11.59 19.34 -3.38
C PHE A 138 11.56 17.86 -3.77
N ALA A 139 11.27 16.99 -2.81
CA ALA A 139 11.24 15.54 -3.12
C ALA A 139 10.52 14.74 -2.05
N LYS A 140 10.26 13.47 -2.34
CA LYS A 140 9.65 12.58 -1.35
C LYS A 140 10.78 11.59 -1.04
N VAL A 141 11.08 11.44 0.24
CA VAL A 141 12.14 10.55 0.66
C VAL A 141 11.64 9.40 1.50
N GLY A 142 12.02 8.19 1.07
CA GLY A 142 11.70 6.98 1.80
C GLY A 142 12.92 6.67 2.66
N VAL A 143 12.68 5.98 3.77
CA VAL A 143 13.79 5.61 4.65
C VAL A 143 13.78 4.13 5.00
N ILE A 145 16.66 1.07 6.90
CA ILE A 145 17.92 1.00 7.62
C ILE A 145 18.69 -0.28 7.43
N CYS A 146 19.97 -0.14 7.08
CA CYS A 146 20.86 -1.27 6.95
C CYS A 146 20.27 -2.53 6.32
N PHE A 147 20.23 -3.62 7.08
CA PHE A 147 19.75 -4.95 6.63
C PHE A 147 18.42 -4.91 5.88
N ASP A 148 17.63 -3.84 6.06
CA ASP A 148 16.38 -3.77 5.28
C ASP A 148 16.70 -3.90 3.79
N TRP A 149 17.92 -3.57 3.37
CA TRP A 149 18.25 -3.67 1.95
C TRP A 149 18.14 -5.10 1.44
N PHE A 150 18.33 -6.06 2.35
CA PHE A 150 18.36 -7.45 1.92
C PHE A 150 17.03 -7.94 1.35
N PHE A 151 15.93 -7.38 1.85
CA PHE A 151 14.58 -7.76 1.41
C PHE A 151 14.16 -6.79 0.32
N PRO A 152 14.01 -7.26 -0.93
CA PRO A 152 13.61 -6.33 -1.98
C PRO A 152 12.34 -5.57 -1.64
N GLU A 153 11.48 -6.17 -0.81
CA GLU A 153 10.21 -5.53 -0.42
C GLU A 153 10.34 -4.22 0.32
N SER A 154 11.49 -3.99 0.96
CA SER A 154 11.68 -2.73 1.71
C SER A 154 11.72 -1.58 0.75
N ALA A 155 12.71 -1.55 -0.15
CA ALA A 155 12.80 -0.46 -1.12
C ALA A 155 11.56 -0.42 -2.03
N ARG A 156 11.05 -1.60 -2.39
CA ARG A 156 9.90 -1.68 -3.27
C ARG A 156 8.71 -0.94 -2.63
N THR A 157 8.47 -1.20 -1.36
CA THR A 157 7.38 -0.56 -0.65
C THR A 157 7.55 0.95 -0.58
N LEU A 158 8.78 1.41 -0.33
CA LEU A 158 9.01 2.85 -0.27
C LEU A 158 8.75 3.49 -1.65
N ALA A 159 9.30 2.86 -2.72
CA ALA A 159 9.14 3.39 -4.06
C ALA A 159 7.66 3.40 -4.49
N LEU A 160 6.92 2.34 -4.18
CA LEU A 160 5.52 2.27 -4.56
C LEU A 160 4.69 3.33 -3.81
N LYS A 161 5.16 3.76 -2.64
CA LYS A 161 4.48 4.81 -1.86
C LYS A 161 4.92 6.20 -2.32
N GLY A 162 5.72 6.26 -3.39
CA GLY A 162 6.12 7.56 -3.92
C GLY A 162 7.53 8.05 -3.65
N ALA A 163 8.33 7.26 -2.93
CA ALA A 163 9.71 7.70 -2.66
C ALA A 163 10.48 7.91 -3.95
N GLU A 164 11.16 9.06 -4.05
CA GLU A 164 12.00 9.34 -5.20
C GLU A 164 13.48 9.11 -4.87
N ILE A 165 13.76 9.22 -3.58
CA ILE A 165 15.10 9.02 -3.01
C ILE A 165 14.87 8.08 -1.85
N ILE A 166 15.71 7.03 -1.74
CA ILE A 166 15.63 6.19 -0.55
C ILE A 166 16.87 6.51 0.27
N ALA A 167 16.66 7.10 1.44
CA ALA A 167 17.75 7.43 2.36
C ALA A 167 17.98 6.18 3.19
N HIS A 168 19.24 5.73 3.22
CA HIS A 168 19.58 4.44 3.81
C HIS A 168 20.74 4.40 4.79
N PRO A 169 20.49 4.78 6.07
CA PRO A 169 21.55 4.75 7.08
C PRO A 169 21.94 3.27 7.24
N ALA A 170 23.24 2.99 7.26
CA ALA A 170 23.71 1.60 7.36
C ALA A 170 24.97 1.47 8.21
N ASN A 171 25.23 0.25 8.74
CA ASN A 171 26.48 -0.08 9.45
C ASN A 171 26.73 -1.50 8.87
N LEU A 172 27.25 -1.52 7.64
CA LEU A 172 27.42 -2.78 6.92
C LEU A 172 28.61 -3.60 7.35
N VAL A 173 28.37 -4.91 7.46
CA VAL A 173 29.45 -5.85 7.80
C VAL A 173 29.57 -6.95 6.73
N PRO A 175 29.58 -8.23 2.71
CA PRO A 175 30.13 -7.61 1.51
C PRO A 175 29.15 -7.26 0.41
N TYR A 176 27.93 -7.72 0.53
CA TYR A 176 26.97 -7.58 -0.55
C TYR A 176 26.27 -6.28 -0.87
N ALA A 177 25.99 -5.45 0.15
CA ALA A 177 25.17 -4.28 -0.14
C ALA A 177 25.62 -3.38 -1.27
N PRO A 178 26.92 -3.04 -1.34
CA PRO A 178 27.37 -2.18 -2.43
C PRO A 178 27.04 -2.74 -3.82
N ARG A 179 27.03 -4.07 -3.96
CA ARG A 179 26.68 -4.66 -5.25
C ARG A 179 25.19 -4.67 -5.48
N ALA A 180 24.40 -4.68 -4.40
CA ALA A 180 22.96 -4.73 -4.51
C ALA A 180 22.30 -3.38 -4.63
N PRO A 182 22.79 -0.67 -6.42
CA PRO A 182 22.44 -0.18 -7.78
C PRO A 182 21.23 -0.91 -8.37
N ILE A 183 21.03 -2.17 -7.97
CA ILE A 183 19.89 -2.93 -8.44
C ILE A 183 18.60 -2.50 -7.75
N ARG A 184 18.69 -2.16 -6.46
CA ARG A 184 17.54 -1.64 -5.75
C ARG A 184 17.13 -0.31 -6.41
N ALA A 185 18.11 0.51 -6.74
CA ALA A 185 17.80 1.81 -7.35
C ALA A 185 17.15 1.60 -8.73
N LEU A 186 17.74 0.70 -9.53
CA LEU A 186 17.25 0.39 -10.85
C LEU A 186 15.84 -0.21 -10.90
N GLU A 187 15.59 -1.24 -10.08
CA GLU A 187 14.32 -1.93 -10.16
C GLU A 187 13.15 -1.07 -9.74
N ASN A 188 13.44 -0.05 -8.92
CA ASN A 188 12.37 0.85 -8.49
C ASN A 188 12.46 2.19 -9.21
N ARG A 189 13.49 2.34 -10.04
CA ARG A 189 13.81 3.62 -10.70
C ARG A 189 13.79 4.76 -9.69
N VAL A 190 14.66 4.66 -8.70
CA VAL A 190 14.79 5.70 -7.68
C VAL A 190 16.26 5.95 -7.43
N TYR A 191 16.57 7.00 -6.66
CA TYR A 191 17.93 7.23 -6.23
C TYR A 191 18.05 6.63 -4.84
N THR A 192 19.19 6.03 -4.56
CA THR A 192 19.45 5.49 -3.22
C THR A 192 20.70 6.16 -2.65
N ILE A 193 20.65 6.47 -1.36
CA ILE A 193 21.79 7.07 -0.67
C ILE A 193 22.08 6.20 0.53
N THR A 194 23.12 5.36 0.42
CA THR A 194 23.50 4.49 1.52
C THR A 194 24.64 5.16 2.26
N ALA A 195 24.39 5.58 3.48
CA ALA A 195 25.44 6.21 4.30
C ALA A 195 25.91 5.16 5.30
N ASP A 196 27.09 4.61 5.05
CA ASP A 196 27.64 3.57 5.92
C ASP A 196 28.67 4.20 6.83
N ARG A 197 28.94 3.56 7.95
CA ARG A 197 30.01 3.99 8.81
C ARG A 197 31.28 3.22 8.42
N VAL A 198 32.38 3.58 9.06
CA VAL A 198 33.64 2.85 8.90
C VAL A 198 34.11 2.46 10.31
N GLY A 199 35.20 1.69 10.34
CA GLY A 199 35.86 1.40 11.59
C GLY A 199 35.70 0.03 12.19
N GLU A 200 36.53 -0.20 13.21
CA GLU A 200 36.51 -1.47 13.94
C GLU A 200 35.85 -1.12 15.27
N GLU A 201 34.98 -2.00 15.76
CA GLU A 201 34.29 -1.75 17.01
C GLU A 201 34.05 -3.04 17.75
N ARG A 202 34.89 -3.28 18.77
CA ARG A 202 34.78 -4.50 19.60
C ARG A 202 34.72 -5.81 18.84
N GLY A 203 35.47 -5.93 17.75
CA GLY A 203 35.47 -7.16 17.00
C GLY A 203 34.74 -7.11 15.66
N LEU A 204 33.83 -6.15 15.48
CA LEU A 204 33.10 -6.01 14.22
C LEU A 204 33.88 -5.04 13.35
N LYS A 205 33.87 -5.27 12.04
CA LYS A 205 34.60 -4.37 11.14
C LYS A 205 33.63 -3.91 10.06
N PHE A 206 33.32 -2.61 10.03
CA PHE A 206 32.39 -2.11 9.03
C PHE A 206 33.10 -1.89 7.71
N ILE A 207 32.33 -2.00 6.62
CA ILE A 207 32.96 -1.92 5.30
C ILE A 207 33.03 -0.60 4.58
N GLY A 208 32.46 0.46 5.16
CA GLY A 208 32.46 1.74 4.47
C GLY A 208 31.68 1.59 3.17
N LYS A 209 32.25 2.09 2.07
CA LYS A 209 31.61 1.98 0.77
C LYS A 209 30.19 2.57 0.72
N SER A 210 30.01 3.70 1.42
CA SER A 210 28.76 4.43 1.28
C SER A 210 28.62 4.69 -0.23
N LEU A 211 27.40 4.75 -0.76
CA LEU A 211 27.27 5.02 -2.19
C LEU A 211 25.91 5.57 -2.56
N ILE A 212 25.89 6.33 -3.67
CA ILE A 212 24.67 6.89 -4.20
C ILE A 212 24.49 6.26 -5.56
N ALA A 213 23.33 5.63 -5.75
CA ALA A 213 23.02 4.97 -7.03
C ALA A 213 21.84 5.65 -7.72
N SER A 214 21.90 5.68 -9.04
CA SER A 214 20.81 6.29 -9.83
C SER A 214 19.77 5.28 -10.32
N PRO A 215 18.63 5.77 -10.84
CA PRO A 215 17.58 4.92 -11.38
C PRO A 215 18.10 4.04 -12.54
N LYS A 216 19.28 4.36 -13.10
CA LYS A 216 19.88 3.56 -14.18
C LYS A 216 21.03 2.66 -13.67
N ALA A 217 21.01 2.36 -12.38
CA ALA A 217 22.03 1.53 -11.72
C ALA A 217 23.43 2.12 -11.78
N GLU A 218 23.52 3.43 -11.97
CA GLU A 218 24.83 4.07 -12.03
C GLU A 218 25.31 4.40 -10.62
N VAL A 219 26.59 4.10 -10.34
CA VAL A 219 27.13 4.42 -9.03
C VAL A 219 27.66 5.84 -9.23
N LEU A 220 26.93 6.81 -8.69
CA LEU A 220 27.31 8.21 -8.86
C LEU A 220 28.42 8.65 -7.92
N SER A 221 28.53 7.96 -6.80
CA SER A 221 29.58 8.28 -5.83
C SER A 221 29.75 7.06 -4.92
N ILE A 222 30.99 6.64 -4.66
CA ILE A 222 31.20 5.51 -3.73
C ILE A 222 32.42 5.88 -2.88
N ALA A 223 32.29 5.66 -1.59
CA ALA A 223 33.32 6.02 -0.64
C ALA A 223 34.34 4.91 -0.39
N SER A 224 35.41 5.31 0.31
CA SER A 224 36.47 4.40 0.69
C SER A 224 35.93 3.38 1.71
N GLU A 225 36.76 2.38 1.95
CA GLU A 225 36.39 1.35 2.93
C GLU A 225 36.63 1.78 4.37
N THR A 226 37.61 2.67 4.57
CA THR A 226 38.03 3.04 5.93
C THR A 226 38.08 4.50 6.36
N GLU A 227 37.90 5.41 5.43
CA GLU A 227 38.04 6.81 5.77
C GLU A 227 36.72 7.56 5.95
N GLU A 228 36.73 8.55 6.83
CA GLU A 228 35.55 9.39 7.01
C GLU A 228 35.56 10.36 5.82
N GLU A 229 34.41 10.55 5.20
CA GLU A 229 34.33 11.45 4.06
C GLU A 229 32.87 11.73 3.71
N ILE A 230 32.65 12.71 2.87
CA ILE A 230 31.28 13.00 2.39
C ILE A 230 31.27 12.69 0.88
N GLY A 231 30.08 12.51 0.32
CA GLY A 231 29.90 12.25 -1.08
C GLY A 231 28.65 13.02 -1.46
N VAL A 232 28.81 14.08 -2.25
CA VAL A 232 27.68 14.93 -2.65
C VAL A 232 27.59 14.92 -4.17
N VAL A 233 26.41 14.62 -4.68
CA VAL A 233 26.21 14.62 -6.13
C VAL A 233 24.86 15.20 -6.53
N GLU A 234 24.79 15.71 -7.76
CA GLU A 234 23.56 16.23 -8.32
C GLU A 234 22.70 15.06 -8.77
N ILE A 235 21.41 15.08 -8.46
CA ILE A 235 20.51 14.04 -8.93
C ILE A 235 19.34 14.66 -9.69
N ASP A 236 18.73 13.86 -10.56
CA ASP A 236 17.63 14.29 -11.43
C ASP A 236 16.33 13.65 -10.98
N LEU A 237 15.53 14.38 -10.21
CA LEU A 237 14.32 13.80 -9.70
C LEU A 237 13.34 13.35 -10.77
N ASN A 238 13.44 13.92 -11.96
CA ASN A 238 12.54 13.47 -13.01
C ASN A 238 12.88 12.10 -13.54
N LEU A 239 14.13 11.68 -13.35
CA LEU A 239 14.55 10.34 -13.78
C LEU A 239 13.94 9.32 -12.81
N ALA A 240 13.62 9.77 -11.59
CA ALA A 240 13.02 8.87 -10.62
C ALA A 240 11.50 8.94 -10.69
N ARG A 241 10.94 10.09 -11.06
CA ARG A 241 9.47 10.19 -11.12
C ARG A 241 8.83 9.52 -12.34
N ASN A 242 9.55 9.53 -13.45
CA ASN A 242 9.07 8.93 -14.69
C ASN A 242 9.48 7.47 -14.69
N LYS A 243 8.51 6.58 -14.51
CA LYS A 243 8.79 5.16 -14.43
C LYS A 243 8.82 4.45 -15.77
N ARG A 244 8.82 5.23 -16.85
CA ARG A 244 8.88 4.64 -18.19
C ARG A 244 10.29 4.25 -18.58
N LEU A 245 10.56 2.94 -18.53
CA LEU A 245 11.86 2.41 -18.91
C LEU A 245 12.06 2.64 -20.43
N ASN A 246 10.99 2.51 -21.18
CA ASN A 246 10.99 2.78 -22.62
C ASN A 246 9.55 3.21 -22.93
N ASP A 247 9.28 3.62 -24.16
CA ASP A 247 7.93 4.09 -24.50
C ASP A 247 6.78 3.06 -24.40
N ASN A 249 6.94 0.50 -21.74
CA ASN A 249 7.01 -0.11 -20.40
C ASN A 249 7.12 0.90 -19.25
N ASP A 250 6.04 1.10 -18.52
CA ASP A 250 6.10 1.96 -17.33
C ASP A 250 6.21 0.89 -16.23
N ILE A 251 7.33 0.85 -15.51
CA ILE A 251 7.53 -0.18 -14.52
C ILE A 251 6.45 -0.39 -13.47
N PHE A 252 5.84 0.69 -12.98
CA PHE A 252 4.79 0.51 -11.99
C PHE A 252 3.45 0.10 -12.63
N LYS A 253 3.16 0.62 -13.82
CA LYS A 253 1.91 0.25 -14.48
C LYS A 253 2.00 -1.22 -14.92
N ASP A 254 3.23 -1.69 -15.16
CA ASP A 254 3.44 -3.06 -15.59
C ASP A 254 3.33 -4.11 -14.47
N ARG A 255 3.31 -3.67 -13.22
CA ARG A 255 3.18 -4.63 -12.14
C ARG A 255 1.84 -5.36 -12.17
N ARG A 256 1.85 -6.64 -11.85
CA ARG A 256 0.63 -7.45 -11.85
C ARG A 256 0.54 -8.18 -10.51
N GLU A 257 0.09 -7.43 -9.51
CA GLU A 257 0.02 -7.93 -8.14
C GLU A 257 -0.74 -9.21 -7.92
N GLU A 258 -1.70 -9.50 -8.81
CA GLU A 258 -2.50 -10.70 -8.65
C GLU A 258 -1.65 -11.96 -8.79
N TYR A 259 -0.43 -11.83 -9.33
CA TYR A 259 0.46 -12.97 -9.50
C TYR A 259 1.63 -12.96 -8.51
N TYR A 260 1.67 -11.97 -7.62
CA TYR A 260 2.77 -11.90 -6.66
C TYR A 260 2.46 -12.47 -5.31
N PHE A 261 3.47 -13.13 -4.73
CA PHE A 261 3.39 -13.68 -3.39
C PHE A 261 2.28 -14.69 -3.18
N ARG A 262 1.87 -15.36 -4.26
CA ARG A 262 0.80 -16.34 -4.14
C ARG A 262 0.81 -17.21 -5.37
N VAL B 2 24.26 -31.81 -7.85
CA VAL B 2 23.66 -32.10 -9.14
C VAL B 2 24.20 -31.10 -10.16
N LYS B 3 24.35 -31.55 -11.41
CA LYS B 3 24.88 -30.67 -12.46
C LYS B 3 23.72 -30.04 -13.23
N VAL B 4 23.79 -28.72 -13.45
CA VAL B 4 22.74 -28.02 -14.19
C VAL B 4 23.43 -27.03 -15.13
N GLY B 5 22.74 -26.62 -16.19
CA GLY B 5 23.42 -25.69 -17.07
C GLY B 5 22.55 -24.86 -17.98
N TYR B 6 23.20 -23.90 -18.63
CA TYR B 6 22.52 -23.09 -19.63
C TYR B 6 23.05 -23.43 -21.00
N ILE B 7 22.21 -23.13 -21.99
CA ILE B 7 22.54 -23.31 -23.42
C ILE B 7 22.42 -21.90 -24.02
N GLN B 8 23.54 -21.30 -24.40
CA GLN B 8 23.55 -19.99 -25.05
C GLN B 8 23.67 -20.22 -26.55
N GLU B 10 22.25 -18.88 -30.81
CA GLU B 10 21.81 -17.81 -31.67
C GLU B 10 20.69 -18.29 -32.57
N PRO B 11 19.44 -18.10 -32.13
CA PRO B 11 18.30 -18.51 -32.95
C PRO B 11 18.29 -17.70 -34.24
N LYS B 12 17.95 -18.35 -35.35
CA LYS B 12 17.82 -17.65 -36.62
C LYS B 12 16.31 -17.45 -36.76
N ILE B 13 15.88 -16.20 -36.86
CA ILE B 13 14.45 -15.89 -36.88
C ILE B 13 13.63 -16.65 -37.93
N LEU B 14 12.55 -17.26 -37.46
CA LEU B 14 11.62 -18.05 -38.29
C LEU B 14 12.16 -19.38 -38.84
N GLU B 15 13.38 -19.75 -38.49
CA GLU B 15 13.93 -21.02 -39.01
C GLU B 15 13.89 -22.08 -37.92
N LEU B 16 12.69 -22.59 -37.66
CA LEU B 16 12.48 -23.53 -36.57
C LEU B 16 13.38 -24.76 -36.62
N ASP B 17 13.41 -25.45 -37.75
CA ASP B 17 14.22 -26.67 -37.85
C ASP B 17 15.70 -26.42 -37.58
N LYS B 18 16.23 -25.34 -38.13
CA LYS B 18 17.62 -25.01 -37.90
C LYS B 18 17.86 -24.78 -36.41
N ASN B 19 16.92 -24.10 -35.75
CA ASN B 19 17.09 -23.81 -34.32
C ASN B 19 16.98 -25.09 -33.47
N TYR B 20 16.14 -26.04 -33.88
CA TYR B 20 16.03 -27.30 -33.16
C TYR B 20 17.37 -28.02 -33.31
N SER B 21 17.90 -28.04 -34.53
CA SER B 21 19.19 -28.74 -34.73
C SER B 21 20.31 -28.14 -33.86
N LYS B 22 20.35 -26.82 -33.79
CA LYS B 22 21.39 -26.18 -32.97
C LYS B 22 21.18 -26.50 -31.49
N ALA B 23 19.94 -26.40 -31.02
CA ALA B 23 19.62 -26.69 -29.63
C ALA B 23 20.01 -28.14 -29.32
N GLU B 24 19.70 -29.05 -30.24
CA GLU B 24 20.04 -30.44 -30.01
C GLU B 24 21.56 -30.66 -29.87
N LYS B 25 22.33 -30.03 -30.73
CA LYS B 25 23.79 -30.16 -30.68
C LYS B 25 24.33 -29.69 -29.33
N LEU B 26 23.90 -28.50 -28.89
CA LEU B 26 24.41 -27.96 -27.61
C LEU B 26 23.88 -28.71 -26.38
N ILE B 27 22.64 -29.18 -26.42
CA ILE B 27 22.11 -29.94 -25.31
C ILE B 27 22.85 -31.27 -25.21
N LYS B 28 23.16 -31.90 -26.34
CA LYS B 28 23.94 -33.13 -26.29
C LYS B 28 25.31 -32.85 -25.63
N GLU B 29 25.91 -31.71 -25.93
CA GLU B 29 27.20 -31.36 -25.28
C GLU B 29 27.03 -31.22 -23.77
N ALA B 30 25.94 -30.56 -23.36
CA ALA B 30 25.71 -30.37 -21.92
C ALA B 30 25.48 -31.72 -21.24
N SER B 31 24.76 -32.60 -21.93
CA SER B 31 24.47 -33.93 -21.42
C SER B 31 25.78 -34.70 -21.22
N LYS B 32 26.70 -34.55 -22.16
CA LYS B 32 28.00 -35.24 -22.08
C LYS B 32 28.78 -34.75 -20.86
N GLU B 33 28.55 -33.50 -20.46
CA GLU B 33 29.23 -32.96 -19.28
C GLU B 33 28.53 -33.39 -17.99
N GLY B 34 27.38 -34.07 -18.13
CA GLY B 34 26.68 -34.54 -16.95
C GLY B 34 25.48 -33.74 -16.50
N ALA B 35 25.09 -32.75 -17.29
CA ALA B 35 23.95 -31.91 -16.89
C ALA B 35 22.66 -32.72 -16.81
N LYS B 36 21.89 -32.49 -15.76
CA LYS B 36 20.60 -33.17 -15.57
C LYS B 36 19.44 -32.22 -15.79
N LEU B 37 19.74 -30.92 -15.81
CA LEU B 37 18.72 -29.89 -16.09
C LEU B 37 19.42 -28.88 -17.00
N VAL B 38 18.81 -28.56 -18.15
CA VAL B 38 19.41 -27.54 -19.03
C VAL B 38 18.32 -26.52 -19.38
N VAL B 39 18.74 -25.28 -19.60
CA VAL B 39 17.81 -24.20 -19.91
C VAL B 39 18.19 -23.57 -21.25
N LEU B 40 17.20 -23.38 -22.13
CA LEU B 40 17.42 -22.74 -23.45
C LEU B 40 16.90 -21.30 -23.37
N PRO B 41 17.33 -20.45 -24.31
CA PRO B 41 16.85 -19.06 -24.27
C PRO B 41 15.36 -18.85 -24.53
N GLU B 42 14.96 -17.61 -24.32
CA GLU B 42 13.61 -17.20 -24.62
C GLU B 42 13.42 -17.34 -26.15
N LEU B 43 12.21 -17.74 -26.56
CA LEU B 43 11.88 -17.84 -27.97
C LEU B 43 13.02 -18.46 -28.78
N PHE B 44 13.53 -19.60 -28.33
CA PHE B 44 14.71 -20.17 -28.99
C PHE B 44 14.40 -20.73 -30.37
N ASP B 45 13.13 -21.08 -30.55
CA ASP B 45 12.67 -21.68 -31.78
C ASP B 45 12.27 -20.72 -32.89
N THR B 46 11.66 -19.61 -32.51
CA THR B 46 11.20 -18.64 -33.50
C THR B 46 12.09 -17.44 -33.71
N GLY B 47 12.97 -17.13 -32.75
CA GLY B 47 13.68 -15.87 -32.92
C GLY B 47 12.79 -14.87 -32.19
N TYR B 48 13.16 -13.60 -32.24
CA TYR B 48 12.53 -12.57 -31.43
C TYR B 48 11.99 -11.30 -32.06
N ASN B 49 12.82 -10.68 -32.90
CA ASN B 49 12.46 -9.38 -33.44
C ASN B 49 11.51 -9.38 -34.63
N PHE B 50 10.27 -9.77 -34.39
CA PHE B 50 9.28 -9.83 -35.47
C PHE B 50 8.87 -8.49 -36.03
N GLU B 51 8.57 -8.49 -37.33
CA GLU B 51 8.13 -7.27 -38.01
C GLU B 51 6.63 -7.07 -37.91
N SER B 52 5.90 -8.15 -37.67
CA SER B 52 4.46 -8.09 -37.53
C SER B 52 3.99 -9.31 -36.74
N ARG B 53 2.78 -9.22 -36.17
CA ARG B 53 2.22 -10.32 -35.43
C ARG B 53 2.00 -11.51 -36.38
N GLU B 54 1.62 -11.19 -37.62
CA GLU B 54 1.39 -12.24 -38.63
C GLU B 54 2.60 -13.15 -38.82
N GLU B 55 3.79 -12.55 -38.83
CA GLU B 55 5.04 -13.27 -39.04
C GLU B 55 5.26 -14.32 -37.94
N VAL B 56 5.04 -13.95 -36.69
CA VAL B 56 5.24 -14.93 -35.62
C VAL B 56 4.03 -15.89 -35.53
N PHE B 57 2.82 -15.38 -35.78
CA PHE B 57 1.66 -16.26 -35.70
C PHE B 57 1.74 -17.41 -36.70
N ASP B 58 2.32 -17.12 -37.88
CA ASP B 58 2.40 -18.15 -38.89
C ASP B 58 3.39 -19.27 -38.64
N VAL B 59 4.32 -19.09 -37.70
CA VAL B 59 5.28 -20.16 -37.38
C VAL B 59 5.10 -20.71 -35.95
N ALA B 60 4.42 -19.96 -35.08
CA ALA B 60 4.27 -20.39 -33.68
C ALA B 60 3.59 -21.76 -33.51
N GLN B 61 4.16 -22.57 -32.62
CA GLN B 61 3.68 -23.90 -32.34
C GLN B 61 2.81 -23.95 -31.09
N GLN B 62 1.88 -24.90 -31.09
CA GLN B 62 1.00 -25.11 -29.97
C GLN B 62 1.74 -25.91 -28.90
N ILE B 63 1.36 -25.71 -27.63
CA ILE B 63 1.98 -26.46 -26.54
C ILE B 63 0.87 -27.30 -25.92
N PRO B 64 1.10 -28.60 -25.69
CA PRO B 64 2.30 -29.41 -25.93
C PRO B 64 2.34 -30.18 -27.25
N GLU B 65 1.35 -29.99 -28.10
CA GLU B 65 1.30 -30.81 -29.32
C GLU B 65 2.14 -30.40 -30.50
N GLY B 66 2.60 -29.15 -30.48
CA GLY B 66 3.39 -28.61 -31.56
C GLY B 66 4.82 -29.13 -31.64
N GLU B 67 5.52 -28.75 -32.69
CA GLU B 67 6.84 -29.30 -32.94
C GLU B 67 7.90 -28.97 -31.94
N THR B 68 7.82 -27.80 -31.32
CA THR B 68 8.89 -27.47 -30.38
C THR B 68 8.84 -28.35 -29.14
N THR B 69 7.63 -28.51 -28.60
CA THR B 69 7.46 -29.30 -27.40
C THR B 69 7.72 -30.77 -27.71
N THR B 70 7.20 -31.29 -28.85
CA THR B 70 7.47 -32.72 -29.09
C THR B 70 8.96 -33.00 -29.36
N PHE B 71 9.66 -32.06 -29.98
CA PHE B 71 11.09 -32.21 -30.27
C PHE B 71 11.80 -32.25 -28.91
N LEU B 72 11.47 -31.32 -28.02
CA LEU B 72 12.16 -31.31 -26.74
C LEU B 72 11.85 -32.53 -25.87
N GLU B 74 11.25 -35.51 -27.02
CA GLU B 74 12.04 -36.62 -27.59
C GLU B 74 13.46 -36.53 -27.09
N LEU B 75 14.00 -35.33 -27.15
CA LEU B 75 15.37 -35.15 -26.72
C LEU B 75 15.56 -35.44 -25.24
N ALA B 76 14.64 -35.01 -24.38
CA ALA B 76 14.78 -35.23 -22.95
C ALA B 76 14.69 -36.72 -22.60
N ARG B 77 13.85 -37.43 -23.36
CA ARG B 77 13.70 -38.86 -23.11
C ARG B 77 14.98 -39.60 -23.53
N GLU B 78 15.48 -39.23 -24.70
CA GLU B 78 16.71 -39.82 -25.25
C GLU B 78 17.91 -39.64 -24.34
N LEU B 79 18.05 -38.42 -23.81
CA LEU B 79 19.20 -38.10 -22.94
C LEU B 79 19.00 -38.28 -21.44
N GLY B 80 17.76 -38.51 -21.01
CA GLY B 80 17.48 -38.67 -19.60
C GLY B 80 17.70 -37.40 -18.78
N LEU B 81 17.26 -36.27 -19.32
CA LEU B 81 17.41 -35.05 -18.55
C LEU B 81 16.17 -34.15 -18.61
N TYR B 82 16.21 -33.02 -17.92
CA TYR B 82 15.08 -32.10 -17.88
C TYR B 82 15.45 -30.87 -18.65
N ILE B 83 14.48 -30.32 -19.39
CA ILE B 83 14.71 -29.13 -20.16
C ILE B 83 13.69 -28.06 -19.89
N VAL B 84 14.15 -26.80 -19.78
CA VAL B 84 13.24 -25.66 -19.66
C VAL B 84 13.62 -24.82 -20.88
N ALA B 85 12.64 -24.46 -21.73
CA ALA B 85 13.02 -23.70 -22.93
C ALA B 85 11.97 -22.67 -23.32
N GLY B 86 12.43 -21.52 -23.80
CA GLY B 86 11.52 -20.47 -24.25
C GLY B 86 11.01 -20.78 -25.64
N THR B 87 9.72 -20.56 -25.86
CA THR B 87 9.10 -20.86 -27.15
C THR B 87 7.85 -20.03 -27.39
N ALA B 88 7.61 -19.64 -28.64
CA ALA B 88 6.40 -18.88 -28.98
C ALA B 88 5.23 -19.86 -28.89
N GLU B 89 4.19 -19.51 -28.15
CA GLU B 89 3.06 -20.41 -28.00
C GLU B 89 1.82 -19.98 -28.74
N LYS B 90 1.36 -20.81 -29.69
CA LYS B 90 0.09 -20.53 -30.35
C LYS B 90 -1.01 -21.22 -29.54
N SER B 91 -2.05 -20.48 -29.19
CA SER B 91 -3.16 -21.04 -28.42
C SER B 91 -4.42 -20.46 -29.07
N GLY B 92 -5.01 -21.23 -29.97
CA GLY B 92 -6.17 -20.74 -30.69
C GLY B 92 -5.72 -19.56 -31.53
N ASN B 93 -6.42 -18.46 -31.39
CA ASN B 93 -6.09 -17.25 -32.13
C ASN B 93 -5.07 -16.37 -31.40
N TYR B 94 -4.65 -16.82 -30.23
CA TYR B 94 -3.71 -16.02 -29.44
C TYR B 94 -2.31 -16.56 -29.41
N LEU B 95 -1.39 -15.69 -28.99
CA LEU B 95 0.00 -16.02 -28.86
C LEU B 95 0.49 -15.66 -27.46
N TYR B 96 1.28 -16.54 -26.88
CA TYR B 96 1.90 -16.24 -25.58
C TYR B 96 3.42 -16.40 -25.74
N ASN B 97 4.18 -15.69 -24.90
CA ASN B 97 5.65 -15.77 -24.92
C ASN B 97 5.85 -16.74 -23.77
N SER B 98 6.12 -18.00 -24.10
CA SER B 98 6.14 -19.03 -23.09
C SER B 98 7.39 -19.83 -22.88
N ALA B 99 7.34 -20.71 -21.87
CA ALA B 99 8.45 -21.62 -21.61
C ALA B 99 7.86 -22.98 -21.30
N VAL B 100 8.45 -24.03 -21.87
CA VAL B 100 7.99 -25.37 -21.57
C VAL B 100 8.99 -26.10 -20.69
N VAL B 101 8.47 -27.04 -19.91
CA VAL B 101 9.25 -27.85 -19.02
C VAL B 101 8.97 -29.31 -19.43
N VAL B 102 10.03 -30.04 -19.80
CA VAL B 102 9.86 -31.45 -20.20
C VAL B 102 10.91 -32.28 -19.47
N GLY B 103 10.65 -33.58 -19.36
CA GLY B 103 11.55 -34.48 -18.64
C GLY B 103 11.64 -35.84 -19.32
N PRO B 104 12.35 -36.79 -18.72
CA PRO B 104 12.55 -38.13 -19.26
C PRO B 104 11.28 -38.88 -19.58
N ARG B 105 10.18 -38.56 -18.90
CA ARG B 105 8.93 -39.27 -19.14
C ARG B 105 7.94 -38.52 -20.00
N GLY B 106 8.21 -37.26 -20.31
CA GLY B 106 7.28 -36.53 -21.14
C GLY B 106 7.11 -35.06 -20.77
N TYR B 107 5.92 -34.53 -21.06
CA TYR B 107 5.60 -33.12 -20.82
C TYR B 107 5.33 -32.86 -19.36
N ILE B 108 5.90 -31.78 -18.79
CA ILE B 108 5.66 -31.49 -17.39
C ILE B 108 4.72 -30.28 -17.27
N GLY B 109 4.97 -29.20 -18.01
CA GLY B 109 4.06 -28.07 -17.93
C GLY B 109 4.63 -26.83 -18.61
N LYS B 110 3.92 -25.71 -18.48
CA LYS B 110 4.38 -24.48 -19.13
C LYS B 110 4.18 -23.25 -18.25
N TYR B 111 4.89 -22.19 -18.62
CA TYR B 111 4.81 -20.88 -17.96
C TYR B 111 4.64 -19.85 -19.09
N ARG B 112 3.80 -18.83 -18.86
CA ARG B 112 3.60 -17.79 -19.89
C ARG B 112 4.08 -16.48 -19.26
N LYS B 113 5.00 -15.84 -19.97
CA LYS B 113 5.66 -14.61 -19.49
C LYS B 113 4.63 -13.62 -18.96
N ILE B 114 4.76 -13.26 -17.69
CA ILE B 114 3.85 -12.33 -17.05
C ILE B 114 4.12 -10.86 -17.38
N HIS B 115 5.39 -10.46 -17.46
CA HIS B 115 5.72 -9.07 -17.73
C HIS B 115 6.28 -8.94 -19.16
N LEU B 116 5.43 -8.57 -20.12
CA LEU B 116 5.86 -8.42 -21.49
C LEU B 116 6.75 -7.19 -21.63
N PHE B 117 7.74 -7.31 -22.50
CA PHE B 117 8.73 -6.27 -22.77
C PHE B 117 8.59 -5.65 -24.14
N TYR B 118 8.50 -4.32 -24.17
CA TYR B 118 8.48 -3.56 -25.41
C TYR B 118 7.52 -4.09 -26.49
N ARG B 119 8.02 -4.35 -27.71
CA ARG B 119 7.12 -4.77 -28.79
C ARG B 119 6.42 -6.09 -28.57
N GLU B 120 6.86 -6.87 -27.58
CA GLU B 120 6.16 -8.09 -27.31
C GLU B 120 4.66 -7.83 -27.05
N LYS B 121 4.33 -6.63 -26.54
CA LYS B 121 2.94 -6.27 -26.24
C LYS B 121 2.08 -6.17 -27.48
N VAL B 122 2.75 -6.08 -28.64
CA VAL B 122 2.10 -5.98 -29.96
C VAL B 122 1.72 -7.36 -30.48
N PHE B 123 2.43 -8.38 -30.02
CA PHE B 123 2.20 -9.72 -30.53
C PHE B 123 1.63 -10.73 -29.55
N PHE B 124 2.15 -10.70 -28.33
CA PHE B 124 1.75 -11.65 -27.31
C PHE B 124 0.74 -11.13 -26.30
N GLU B 125 -0.08 -12.03 -25.77
CA GLU B 125 -1.05 -11.75 -24.70
C GLU B 125 -0.23 -11.83 -23.40
N PRO B 126 -0.59 -11.06 -22.36
CA PRO B 126 0.18 -11.13 -21.10
C PRO B 126 -0.01 -12.50 -20.49
N GLY B 127 1.03 -13.03 -19.87
CA GLY B 127 0.92 -14.36 -19.27
C GLY B 127 -0.18 -14.47 -18.24
N ASP B 128 -0.80 -15.65 -18.13
CA ASP B 128 -1.92 -15.79 -17.23
C ASP B 128 -1.95 -17.03 -16.36
N LEU B 129 -0.80 -17.66 -16.13
CA LEU B 129 -0.83 -18.86 -15.31
C LEU B 129 -0.12 -18.64 -14.00
N GLY B 130 0.34 -17.41 -13.76
CA GLY B 130 1.08 -17.12 -12.53
C GLY B 130 2.53 -17.61 -12.61
N PHE B 131 3.25 -17.50 -11.49
CA PHE B 131 4.64 -17.93 -11.38
C PHE B 131 4.58 -19.31 -10.77
N LYS B 132 4.94 -20.30 -11.59
CA LYS B 132 4.83 -21.70 -11.20
C LYS B 132 6.16 -22.37 -10.92
N VAL B 133 6.10 -23.34 -10.01
CA VAL B 133 7.24 -24.14 -9.61
C VAL B 133 6.96 -25.57 -10.05
N PHE B 134 7.94 -26.21 -10.67
CA PHE B 134 7.80 -27.58 -11.18
C PHE B 134 8.71 -28.54 -10.44
N ASP B 135 8.23 -29.73 -10.13
CA ASP B 135 9.07 -30.70 -9.44
C ASP B 135 9.77 -31.59 -10.48
N ILE B 136 11.10 -31.67 -10.45
CA ILE B 136 11.75 -32.52 -11.42
C ILE B 136 12.48 -33.62 -10.65
N GLY B 137 11.91 -33.96 -9.50
CA GLY B 137 12.44 -35.00 -8.66
C GLY B 137 13.57 -34.59 -7.74
N PHE B 138 14.72 -34.31 -8.33
CA PHE B 138 15.85 -33.93 -7.51
C PHE B 138 15.84 -32.46 -7.15
N ALA B 139 14.85 -31.74 -7.67
CA ALA B 139 14.77 -30.31 -7.39
C ALA B 139 13.39 -29.72 -7.70
N LYS B 140 13.11 -28.57 -7.09
CA LYS B 140 11.91 -27.81 -7.36
C LYS B 140 12.43 -26.65 -8.20
N VAL B 141 11.93 -26.54 -9.44
CA VAL B 141 12.41 -25.53 -10.36
C VAL B 141 11.35 -24.48 -10.68
N GLY B 142 11.66 -23.21 -10.41
CA GLY B 142 10.73 -22.14 -10.75
C GLY B 142 11.14 -21.64 -12.15
N VAL B 143 10.20 -21.06 -12.88
CA VAL B 143 10.49 -20.55 -14.20
C VAL B 143 9.98 -19.12 -14.37
N ILE B 145 10.68 -15.65 -17.36
CA ILE B 145 11.25 -15.36 -18.65
C ILE B 145 11.71 -13.93 -18.80
N CYS B 146 12.95 -13.79 -19.27
CA CYS B 146 13.60 -12.54 -19.61
C CYS B 146 13.22 -11.40 -18.66
N PHE B 147 12.56 -10.36 -19.20
CA PHE B 147 12.14 -9.15 -18.44
C PHE B 147 11.49 -9.43 -17.08
N ASP B 148 10.99 -10.64 -16.85
CA ASP B 148 10.45 -10.93 -15.51
C ASP B 148 11.52 -10.64 -14.45
N TRP B 149 12.80 -10.71 -14.81
CA TRP B 149 13.85 -10.48 -13.82
C TRP B 149 13.78 -9.08 -13.24
N PHE B 150 13.28 -8.13 -14.03
CA PHE B 150 13.26 -6.72 -13.57
C PHE B 150 12.42 -6.46 -12.36
N PHE B 151 11.37 -7.25 -12.20
CA PHE B 151 10.43 -7.14 -11.08
C PHE B 151 10.90 -8.10 -10.00
N PRO B 152 11.33 -7.59 -8.84
CA PRO B 152 11.78 -8.53 -7.81
C PRO B 152 10.72 -9.54 -7.37
N GLU B 153 9.46 -9.17 -7.50
CA GLU B 153 8.38 -10.04 -7.14
C GLU B 153 8.39 -11.37 -7.92
N SER B 154 8.94 -11.38 -9.13
CA SER B 154 8.91 -12.64 -9.90
C SER B 154 9.71 -13.74 -9.21
N ALA B 155 10.99 -13.47 -8.98
CA ALA B 155 11.86 -14.46 -8.33
C ALA B 155 11.42 -14.72 -6.89
N ARG B 156 10.97 -13.67 -6.20
CA ARG B 156 10.51 -13.83 -4.81
C ARG B 156 9.32 -14.79 -4.76
N THR B 157 8.38 -14.64 -5.68
CA THR B 157 7.19 -15.47 -5.66
C THR B 157 7.60 -16.91 -5.91
N LEU B 158 8.46 -17.13 -6.89
CA LEU B 158 8.95 -18.51 -7.16
C LEU B 158 9.62 -19.13 -5.95
N ALA B 159 10.49 -18.35 -5.30
CA ALA B 159 11.20 -18.85 -4.11
C ALA B 159 10.25 -19.13 -2.95
N LEU B 160 9.24 -18.28 -2.78
CA LEU B 160 8.28 -18.50 -1.68
C LEU B 160 7.48 -19.77 -1.92
N LYS B 161 7.34 -20.14 -3.18
CA LYS B 161 6.62 -21.37 -3.53
C LYS B 161 7.54 -22.60 -3.53
N GLY B 162 8.77 -22.41 -3.07
CA GLY B 162 9.67 -23.55 -2.96
C GLY B 162 10.73 -23.73 -4.01
N ALA B 163 10.78 -22.82 -4.98
CA ALA B 163 11.82 -22.99 -6.00
C ALA B 163 13.22 -22.98 -5.38
N GLU B 164 14.02 -23.97 -5.78
CA GLU B 164 15.42 -24.09 -5.36
C GLU B 164 16.32 -23.59 -6.46
N ILE B 165 15.86 -23.74 -7.72
CA ILE B 165 16.58 -23.25 -8.91
C ILE B 165 15.56 -22.43 -9.68
N ILE B 166 15.95 -21.26 -10.16
CA ILE B 166 15.04 -20.53 -11.03
C ILE B 166 15.66 -20.62 -12.43
N ALA B 167 14.94 -21.30 -13.34
CA ALA B 167 15.33 -21.48 -14.75
C ALA B 167 14.80 -20.22 -15.45
N HIS B 168 15.67 -19.56 -16.20
CA HIS B 168 15.34 -18.25 -16.76
C HIS B 168 15.76 -18.04 -18.19
N PRO B 169 14.90 -18.49 -19.13
CA PRO B 169 15.19 -18.29 -20.56
C PRO B 169 15.14 -16.79 -20.76
N ALA B 170 16.08 -16.25 -21.52
CA ALA B 170 16.08 -14.80 -21.76
C ALA B 170 16.61 -14.41 -23.14
N ASN B 171 16.26 -13.19 -23.59
CA ASN B 171 16.76 -12.61 -24.86
C ASN B 171 17.06 -11.16 -24.40
N LEU B 172 18.18 -11.00 -23.70
CA LEU B 172 18.51 -9.70 -23.10
C LEU B 172 19.06 -8.66 -24.06
N VAL B 173 18.55 -7.42 -23.92
CA VAL B 173 19.02 -6.31 -24.74
C VAL B 173 19.58 -5.17 -23.88
N PRO B 175 21.77 -3.75 -20.48
CA PRO B 175 22.98 -4.29 -19.90
C PRO B 175 22.89 -4.79 -18.47
N TYR B 176 21.73 -4.59 -17.88
CA TYR B 176 21.56 -4.85 -16.46
C TYR B 176 21.44 -6.24 -15.86
N ALA B 177 20.79 -7.16 -16.55
CA ALA B 177 20.52 -8.44 -15.91
C ALA B 177 21.70 -9.18 -15.33
N PRO B 178 22.85 -9.20 -16.03
CA PRO B 178 23.99 -9.93 -15.46
C PRO B 178 24.40 -9.40 -14.09
N ARG B 179 24.23 -8.09 -13.87
CA ARG B 179 24.56 -7.50 -12.57
C ARG B 179 23.47 -7.79 -11.52
N ALA B 180 22.22 -7.95 -11.98
CA ALA B 180 21.10 -8.17 -11.09
C ALA B 180 20.88 -9.61 -10.66
N PRO B 182 22.82 -12.10 -9.69
CA PRO B 182 23.41 -12.59 -8.44
C PRO B 182 22.65 -12.05 -7.22
N ILE B 183 22.02 -10.88 -7.37
CA ILE B 183 21.27 -10.30 -6.25
C ILE B 183 19.93 -11.02 -6.11
N ARG B 184 19.31 -11.38 -7.23
CA ARG B 184 18.05 -12.13 -7.18
C ARG B 184 18.30 -13.49 -6.49
N ALA B 185 19.45 -14.10 -6.81
CA ALA B 185 19.81 -15.39 -6.22
C ALA B 185 20.08 -15.22 -4.74
N LEU B 186 20.84 -14.18 -4.40
CA LEU B 186 21.16 -13.94 -2.99
C LEU B 186 19.93 -13.62 -2.13
N GLU B 187 19.09 -12.71 -2.60
CA GLU B 187 17.98 -12.28 -1.77
C GLU B 187 16.94 -13.38 -1.51
N ASN B 188 16.90 -14.38 -2.38
CA ASN B 188 15.98 -15.50 -2.25
C ASN B 188 16.69 -16.77 -1.82
N ARG B 189 18.02 -16.68 -1.73
CA ARG B 189 18.87 -17.86 -1.40
C ARG B 189 18.51 -19.03 -2.32
N VAL B 190 18.59 -18.78 -3.62
CA VAL B 190 18.35 -19.82 -4.63
C VAL B 190 19.45 -19.79 -5.70
N TYR B 191 19.50 -20.83 -6.56
CA TYR B 191 20.40 -20.83 -7.69
C TYR B 191 19.59 -20.29 -8.87
N THR B 192 20.24 -19.51 -9.73
CA THR B 192 19.53 -19.00 -10.92
C THR B 192 20.32 -19.39 -12.15
N ILE B 193 19.60 -19.76 -13.22
CA ILE B 193 20.22 -20.16 -14.49
C ILE B 193 19.61 -19.29 -15.56
N THR B 194 20.38 -18.31 -16.04
CA THR B 194 19.87 -17.40 -17.08
C THR B 194 20.49 -17.85 -18.39
N ALA B 195 19.63 -18.35 -19.27
CA ALA B 195 20.08 -18.78 -20.59
C ALA B 195 19.70 -17.70 -21.58
N ASP B 196 20.70 -16.93 -22.00
CA ASP B 196 20.48 -15.84 -22.95
C ASP B 196 20.86 -16.28 -24.36
N ARG B 197 20.29 -15.60 -25.34
CA ARG B 197 20.73 -15.82 -26.71
C ARG B 197 21.83 -14.78 -27.02
N VAL B 198 22.39 -14.92 -28.23
CA VAL B 198 23.39 -13.96 -28.73
C VAL B 198 22.97 -13.57 -30.13
N GLY B 199 23.74 -12.65 -30.72
CA GLY B 199 23.49 -12.21 -32.09
C GLY B 199 22.81 -10.89 -32.31
N GLU B 200 22.81 -10.44 -33.57
CA GLU B 200 22.11 -9.23 -33.96
C GLU B 200 20.96 -9.76 -34.81
N GLU B 201 19.79 -9.21 -34.60
CA GLU B 201 18.62 -9.67 -35.33
C GLU B 201 17.77 -8.48 -35.75
N ARG B 202 17.83 -8.17 -37.04
CA ARG B 202 17.12 -7.06 -37.63
C ARG B 202 17.41 -5.79 -36.88
N GLY B 203 18.70 -5.58 -36.63
CA GLY B 203 19.15 -4.39 -35.93
C GLY B 203 19.12 -4.40 -34.41
N LEU B 204 18.62 -5.47 -33.79
CA LEU B 204 18.56 -5.58 -32.34
C LEU B 204 19.72 -6.45 -31.88
N LYS B 205 20.55 -5.95 -30.96
CA LYS B 205 21.70 -6.73 -30.47
C LYS B 205 21.39 -7.33 -29.11
N PHE B 206 21.57 -8.66 -29.00
CA PHE B 206 21.34 -9.32 -27.71
C PHE B 206 22.69 -9.35 -27.02
N ILE B 207 22.68 -9.40 -25.71
CA ILE B 207 23.97 -9.28 -25.02
C ILE B 207 24.70 -10.52 -24.60
N GLY B 208 24.12 -11.70 -24.81
CA GLY B 208 24.79 -12.90 -24.36
C GLY B 208 24.84 -12.89 -22.83
N LYS B 209 26.01 -13.21 -22.29
CA LYS B 209 26.19 -13.22 -20.84
C LYS B 209 25.25 -14.12 -20.04
N SER B 210 24.94 -15.29 -20.59
CA SER B 210 24.16 -16.28 -19.86
C SER B 210 24.92 -16.48 -18.55
N LEU B 211 24.22 -16.75 -17.46
CA LEU B 211 24.99 -16.95 -16.22
C LEU B 211 24.26 -17.75 -15.18
N ILE B 212 25.03 -18.41 -14.32
CA ILE B 212 24.45 -19.18 -13.23
C ILE B 212 24.99 -18.53 -11.95
N ALA B 213 24.09 -18.19 -11.06
CA ALA B 213 24.43 -17.56 -9.78
C ALA B 213 24.00 -18.42 -8.60
N SER B 214 24.80 -18.38 -7.54
CA SER B 214 24.51 -19.16 -6.33
C SER B 214 23.75 -18.37 -5.28
N PRO B 215 23.25 -19.06 -4.23
CA PRO B 215 22.52 -18.40 -3.13
C PRO B 215 23.39 -17.35 -2.39
N LYS B 216 24.70 -17.36 -2.62
CA LYS B 216 25.63 -16.38 -2.01
C LYS B 216 26.12 -15.34 -3.03
N ALA B 217 25.34 -15.17 -4.10
CA ALA B 217 25.63 -14.20 -5.15
C ALA B 217 26.93 -14.47 -5.91
N GLU B 218 27.36 -15.73 -5.93
CA GLU B 218 28.56 -16.06 -6.66
C GLU B 218 28.19 -16.35 -8.10
N VAL B 219 28.98 -15.82 -9.02
CA VAL B 219 28.78 -16.09 -10.43
C VAL B 219 29.56 -17.40 -10.68
N LEU B 220 28.83 -18.49 -10.82
CA LEU B 220 29.45 -19.81 -11.00
C LEU B 220 29.85 -20.09 -12.45
N SER B 221 29.20 -19.37 -13.38
CA SER B 221 29.52 -19.52 -14.80
C SER B 221 28.93 -18.32 -15.50
N ILE B 222 29.71 -17.68 -16.36
CA ILE B 222 29.20 -16.57 -17.16
C ILE B 222 29.74 -16.74 -18.57
N ALA B 223 28.83 -16.63 -19.53
CA ALA B 223 29.17 -16.78 -20.94
C ALA B 223 29.60 -15.50 -21.65
N SER B 224 30.08 -15.67 -22.87
CA SER B 224 30.55 -14.56 -23.69
C SER B 224 29.40 -13.70 -24.19
N GLU B 225 29.77 -12.60 -24.84
CA GLU B 225 28.78 -11.70 -25.35
C GLU B 225 28.20 -12.13 -26.70
N THR B 226 28.96 -12.89 -27.48
CA THR B 226 28.49 -13.19 -28.82
C THR B 226 28.56 -14.61 -29.31
N GLU B 227 29.14 -15.50 -28.52
CA GLU B 227 29.31 -16.87 -29.00
C GLU B 227 28.30 -17.84 -28.49
N GLU B 228 28.05 -18.89 -29.27
CA GLU B 228 27.18 -19.97 -28.80
C GLU B 228 28.06 -20.85 -27.93
N GLU B 229 27.54 -21.25 -26.78
CA GLU B 229 28.32 -22.06 -25.84
C GLU B 229 27.42 -22.61 -24.75
N ILE B 230 27.96 -23.51 -23.95
CA ILE B 230 27.21 -24.07 -22.81
C ILE B 230 27.99 -23.78 -21.54
N GLY B 231 27.28 -23.90 -20.42
CA GLY B 231 27.89 -23.70 -19.10
C GLY B 231 27.15 -24.65 -18.16
N VAL B 232 27.89 -25.58 -17.57
CA VAL B 232 27.34 -26.60 -16.66
C VAL B 232 28.14 -26.55 -15.37
N VAL B 233 27.45 -26.48 -14.26
CA VAL B 233 28.10 -26.43 -12.95
C VAL B 233 27.43 -27.36 -11.98
N GLU B 234 28.18 -27.74 -10.96
CA GLU B 234 27.70 -28.60 -9.89
C GLU B 234 27.09 -27.68 -8.86
N ILE B 235 25.90 -28.02 -8.36
CA ILE B 235 25.30 -27.18 -7.34
C ILE B 235 24.84 -28.07 -6.18
N ASP B 236 24.71 -27.47 -4.99
CA ASP B 236 24.27 -28.19 -3.79
C ASP B 236 22.93 -27.60 -3.42
N LEU B 237 21.83 -28.31 -3.69
CA LEU B 237 20.51 -27.75 -3.41
C LEU B 237 20.28 -27.53 -1.93
N ASN B 238 21.08 -28.13 -1.06
CA ASN B 238 20.86 -27.88 0.35
C ASN B 238 21.17 -26.42 0.67
N LEU B 239 21.99 -25.79 -0.16
CA LEU B 239 22.34 -24.38 0.05
C LEU B 239 21.18 -23.45 -0.32
N ALA B 240 20.20 -23.98 -1.05
CA ALA B 240 19.02 -23.22 -1.42
C ALA B 240 17.87 -23.52 -0.48
N ARG B 241 17.87 -24.72 0.09
CA ARG B 241 16.81 -25.10 1.01
C ARG B 241 16.99 -24.45 2.36
N ASN B 242 18.23 -24.28 2.78
CA ASN B 242 18.51 -23.66 4.07
C ASN B 242 18.51 -22.14 3.86
N LYS B 243 17.53 -21.44 4.46
CA LYS B 243 17.44 -19.99 4.26
C LYS B 243 18.15 -19.21 5.37
N ARG B 244 18.91 -19.92 6.21
CA ARG B 244 19.63 -19.24 7.29
C ARG B 244 20.77 -18.39 6.71
N LEU B 245 20.89 -17.15 7.20
CA LEU B 245 21.98 -16.28 6.76
C LEU B 245 23.07 -16.32 7.85
N ASN B 246 22.62 -16.44 9.10
CA ASN B 246 23.49 -16.54 10.27
C ASN B 246 22.65 -17.19 11.36
N ASP B 247 23.22 -17.37 12.54
CA ASP B 247 22.50 -18.03 13.63
C ASP B 247 21.24 -17.33 14.14
N ASN B 249 19.29 -15.09 11.91
CA ASN B 249 18.47 -14.61 10.80
C ASN B 249 18.23 -15.69 9.75
N ASP B 250 16.97 -16.00 9.52
CA ASP B 250 16.55 -16.94 8.46
C ASP B 250 15.79 -15.97 7.52
N ILE B 251 16.20 -15.89 6.25
CA ILE B 251 15.61 -14.92 5.33
C ILE B 251 14.10 -14.98 5.21
N PHE B 252 13.54 -16.18 5.08
CA PHE B 252 12.11 -16.20 4.91
C PHE B 252 11.31 -16.06 6.15
N LYS B 253 11.84 -16.54 7.28
CA LYS B 253 11.15 -16.39 8.53
C LYS B 253 11.24 -14.94 8.97
N ASP B 254 12.22 -14.22 8.43
CA ASP B 254 12.40 -12.82 8.85
C ASP B 254 11.58 -11.84 8.03
N ARG B 255 10.92 -12.32 6.98
CA ARG B 255 10.08 -11.41 6.17
C ARG B 255 8.87 -11.00 7.03
N ARG B 256 8.41 -9.76 6.87
CA ARG B 256 7.27 -9.27 7.64
C ARG B 256 6.32 -8.71 6.60
N GLU B 257 5.61 -9.61 5.91
CA GLU B 257 4.77 -9.21 4.79
C GLU B 257 3.67 -8.20 5.08
N GLU B 258 3.24 -8.11 6.33
CA GLU B 258 2.19 -7.17 6.65
C GLU B 258 2.61 -5.72 6.40
N TYR B 259 3.91 -5.48 6.33
CA TYR B 259 4.37 -4.10 6.10
C TYR B 259 4.73 -3.87 4.63
N TYR B 260 4.60 -4.91 3.81
CA TYR B 260 4.98 -4.74 2.41
C TYR B 260 3.81 -4.24 1.55
N PHE B 261 4.12 -3.42 0.57
CA PHE B 261 3.08 -2.83 -0.28
C PHE B 261 2.23 -3.74 -1.13
N ARG B 262 0.93 -3.42 -1.21
CA ARG B 262 0.01 -4.08 -2.15
C ARG B 262 -1.12 -3.11 -2.49
N VAL C 2 -12.70 19.96 -15.59
CA VAL C 2 -13.00 18.92 -16.56
C VAL C 2 -14.41 18.46 -16.18
N LYS C 3 -15.18 18.01 -17.18
CA LYS C 3 -16.53 17.54 -16.92
C LYS C 3 -16.55 16.02 -16.85
N VAL C 4 -17.27 15.50 -15.83
CA VAL C 4 -17.39 14.06 -15.64
C VAL C 4 -18.86 13.74 -15.35
N GLY C 5 -19.24 12.48 -15.56
CA GLY C 5 -20.63 12.18 -15.31
C GLY C 5 -20.96 10.73 -15.03
N TYR C 6 -22.18 10.53 -14.51
CA TYR C 6 -22.69 9.19 -14.31
C TYR C 6 -23.78 8.95 -15.36
N ILE C 7 -24.02 7.68 -15.63
CA ILE C 7 -25.06 7.26 -16.55
C ILE C 7 -26.00 6.38 -15.71
N GLN C 8 -27.19 6.86 -15.37
CA GLN C 8 -28.12 6.06 -14.57
C GLN C 8 -29.08 5.39 -15.57
N GLU C 10 -31.32 1.52 -16.82
CA GLU C 10 -31.98 0.32 -16.37
C GLU C 10 -31.62 -0.89 -17.22
N PRO C 11 -30.64 -1.66 -16.79
CA PRO C 11 -30.29 -2.84 -17.58
C PRO C 11 -31.49 -3.80 -17.56
N LYS C 12 -31.69 -4.51 -18.68
CA LYS C 12 -32.73 -5.52 -18.73
C LYS C 12 -31.93 -6.83 -18.66
N ILE C 13 -32.27 -7.65 -17.68
CA ILE C 13 -31.47 -8.85 -17.43
C ILE C 13 -31.27 -9.76 -18.64
N LEU C 14 -30.01 -10.09 -18.89
CA LEU C 14 -29.53 -10.93 -19.99
C LEU C 14 -29.65 -10.32 -21.37
N GLU C 15 -30.22 -9.13 -21.49
CA GLU C 15 -30.39 -8.54 -22.82
C GLU C 15 -29.20 -7.65 -23.19
N LEU C 16 -28.05 -8.28 -23.45
CA LEU C 16 -26.81 -7.56 -23.76
C LEU C 16 -26.92 -6.50 -24.86
N ASP C 17 -27.38 -6.89 -26.05
CA ASP C 17 -27.47 -5.88 -27.10
C ASP C 17 -28.38 -4.71 -26.74
N LYS C 18 -29.49 -5.00 -26.09
CA LYS C 18 -30.43 -3.94 -25.67
C LYS C 18 -29.73 -3.00 -24.67
N ASN C 19 -28.99 -3.58 -23.74
CA ASN C 19 -28.29 -2.77 -22.73
C ASN C 19 -27.17 -1.95 -23.36
N TYR C 20 -26.48 -2.55 -24.34
CA TYR C 20 -25.45 -1.79 -25.06
C TYR C 20 -26.13 -0.60 -25.75
N SER C 21 -27.28 -0.82 -26.38
CA SER C 21 -27.92 0.30 -27.07
C SER C 21 -28.36 1.40 -26.13
N LYS C 22 -28.83 1.03 -24.94
CA LYS C 22 -29.27 2.05 -23.99
C LYS C 22 -28.05 2.83 -23.49
N ALA C 23 -26.97 2.12 -23.16
CA ALA C 23 -25.72 2.76 -22.72
C ALA C 23 -25.21 3.74 -23.79
N GLU C 24 -25.28 3.31 -25.06
CA GLU C 24 -24.83 4.17 -26.16
C GLU C 24 -25.64 5.46 -26.24
N LYS C 25 -26.95 5.33 -26.11
CA LYS C 25 -27.83 6.50 -26.20
C LYS C 25 -27.49 7.53 -25.13
N LEU C 26 -27.39 7.04 -23.90
CA LEU C 26 -27.09 7.91 -22.76
C LEU C 26 -25.68 8.48 -22.76
N ILE C 27 -24.70 7.69 -23.19
CA ILE C 27 -23.32 8.17 -23.23
C ILE C 27 -23.16 9.24 -24.33
N LYS C 28 -23.92 9.10 -25.42
CA LYS C 28 -23.84 10.12 -26.47
C LYS C 28 -24.39 11.43 -25.93
N GLU C 29 -25.45 11.34 -25.14
CA GLU C 29 -26.02 12.54 -24.56
C GLU C 29 -24.99 13.19 -23.63
N ALA C 30 -24.33 12.38 -22.82
CA ALA C 30 -23.33 12.92 -21.89
C ALA C 30 -22.15 13.53 -22.66
N SER C 31 -21.78 12.90 -23.77
CA SER C 31 -20.69 13.40 -24.63
C SER C 31 -21.05 14.80 -25.14
N LYS C 32 -22.33 14.99 -25.49
CA LYS C 32 -22.85 16.27 -25.96
C LYS C 32 -22.81 17.34 -24.86
N GLU C 33 -22.89 16.89 -23.61
CA GLU C 33 -22.87 17.81 -22.49
C GLU C 33 -21.42 18.11 -22.09
N GLY C 34 -20.48 17.58 -22.86
CA GLY C 34 -19.05 17.79 -22.65
C GLY C 34 -18.27 16.87 -21.71
N ALA C 35 -18.90 15.79 -21.25
CA ALA C 35 -18.24 14.86 -20.33
C ALA C 35 -17.02 14.16 -20.95
N LYS C 36 -15.95 14.10 -20.19
CA LYS C 36 -14.74 13.44 -20.66
C LYS C 36 -14.52 12.07 -20.01
N LEU C 37 -15.25 11.82 -18.91
CA LEU C 37 -15.21 10.53 -18.23
C LEU C 37 -16.67 10.26 -17.88
N VAL C 38 -17.14 9.06 -18.18
CA VAL C 38 -18.49 8.68 -17.78
C VAL C 38 -18.41 7.30 -17.11
N VAL C 39 -19.32 7.07 -16.17
CA VAL C 39 -19.38 5.82 -15.43
C VAL C 39 -20.76 5.16 -15.61
N LEU C 40 -20.75 3.87 -15.96
CA LEU C 40 -21.98 3.08 -16.12
C LEU C 40 -22.20 2.26 -14.84
N PRO C 41 -23.43 1.75 -14.60
CA PRO C 41 -23.68 0.95 -13.40
C PRO C 41 -22.95 -0.40 -13.33
N GLU C 42 -23.02 -0.98 -12.15
CA GLU C 42 -22.53 -2.33 -11.94
C GLU C 42 -23.30 -3.26 -12.92
N LEU C 43 -22.59 -4.25 -13.46
CA LEU C 43 -23.22 -5.25 -14.36
C LEU C 43 -24.26 -4.58 -15.30
N PHE C 44 -23.85 -3.54 -16.00
CA PHE C 44 -24.81 -2.83 -16.86
C PHE C 44 -25.18 -3.66 -18.08
N ASP C 45 -24.29 -4.58 -18.47
CA ASP C 45 -24.53 -5.40 -19.64
C ASP C 45 -25.42 -6.60 -19.41
N THR C 46 -25.26 -7.25 -18.27
CA THR C 46 -26.02 -8.46 -17.99
C THR C 46 -27.22 -8.36 -17.06
N GLY C 47 -27.29 -7.28 -16.30
CA GLY C 47 -28.33 -7.27 -15.31
C GLY C 47 -27.71 -7.89 -14.06
N TYR C 48 -28.50 -8.04 -13.01
CA TYR C 48 -28.00 -8.44 -11.69
C TYR C 48 -28.55 -9.67 -10.99
N ASN C 49 -29.89 -9.77 -10.93
CA ASN C 49 -30.54 -10.81 -10.13
C ASN C 49 -30.64 -12.19 -10.77
N PHE C 50 -29.49 -12.83 -10.93
CA PHE C 50 -29.44 -14.13 -11.60
C PHE C 50 -30.10 -15.23 -10.80
N GLU C 51 -30.71 -16.17 -11.51
CA GLU C 51 -31.37 -17.28 -10.85
C GLU C 51 -30.41 -18.43 -10.58
N SER C 52 -29.27 -18.43 -11.27
CA SER C 52 -28.27 -19.48 -11.11
C SER C 52 -26.96 -19.01 -11.68
N ARG C 53 -25.87 -19.71 -11.34
CA ARG C 53 -24.59 -19.33 -11.88
C ARG C 53 -24.52 -19.59 -13.39
N GLU C 54 -25.13 -20.68 -13.84
CA GLU C 54 -25.11 -20.96 -15.27
C GLU C 54 -25.76 -19.88 -16.10
N GLU C 55 -26.79 -19.24 -15.54
CA GLU C 55 -27.47 -18.19 -16.27
C GLU C 55 -26.53 -17.04 -16.59
N VAL C 56 -25.70 -16.63 -15.62
CA VAL C 56 -24.79 -15.52 -15.92
C VAL C 56 -23.58 -16.04 -16.70
N PHE C 57 -23.16 -17.27 -16.44
CA PHE C 57 -22.01 -17.82 -17.17
C PHE C 57 -22.29 -17.77 -18.69
N ASP C 58 -23.56 -17.92 -19.07
CA ASP C 58 -24.00 -17.87 -20.48
C ASP C 58 -23.66 -16.60 -21.23
N VAL C 59 -23.90 -15.49 -20.57
CA VAL C 59 -23.73 -14.18 -21.16
C VAL C 59 -22.44 -13.47 -20.82
N ALA C 60 -21.77 -13.91 -19.76
CA ALA C 60 -20.56 -13.21 -19.33
C ALA C 60 -19.49 -13.18 -20.41
N GLN C 61 -18.90 -12.01 -20.59
CA GLN C 61 -17.87 -11.78 -21.61
C GLN C 61 -16.45 -11.69 -21.07
N GLN C 62 -15.50 -12.16 -21.84
CA GLN C 62 -14.12 -12.09 -21.41
C GLN C 62 -13.62 -10.64 -21.58
N ILE C 63 -12.70 -10.23 -20.72
CA ILE C 63 -12.11 -8.90 -20.81
C ILE C 63 -10.65 -9.08 -21.25
N PRO C 64 -10.16 -8.30 -22.24
CA PRO C 64 -10.81 -7.24 -23.00
C PRO C 64 -11.29 -7.68 -24.39
N GLU C 65 -11.18 -8.97 -24.70
CA GLU C 65 -11.58 -9.41 -26.04
C GLU C 65 -13.05 -9.66 -26.26
N GLY C 66 -13.80 -9.84 -25.17
CA GLY C 66 -15.22 -10.10 -25.24
C GLY C 66 -16.06 -8.93 -25.77
N GLU C 67 -17.34 -9.20 -25.97
CA GLU C 67 -18.26 -8.22 -26.51
C GLU C 67 -18.45 -6.91 -25.75
N THR C 68 -18.49 -6.97 -24.42
CA THR C 68 -18.74 -5.73 -23.71
C THR C 68 -17.58 -4.74 -23.77
N THR C 69 -16.36 -5.23 -23.59
CA THR C 69 -15.23 -4.34 -23.64
C THR C 69 -15.07 -3.80 -25.07
N THR C 70 -15.29 -4.66 -26.06
CA THR C 70 -15.17 -4.22 -27.47
C THR C 70 -16.14 -3.09 -27.77
N PHE C 71 -17.39 -3.26 -27.35
CA PHE C 71 -18.40 -2.24 -27.56
C PHE C 71 -18.00 -0.92 -26.88
N LEU C 72 -17.50 -1.00 -25.65
CA LEU C 72 -17.12 0.22 -24.96
C LEU C 72 -15.90 0.89 -25.62
N GLU C 74 -15.14 0.82 -28.74
CA GLU C 74 -15.61 1.49 -29.93
C GLU C 74 -16.25 2.82 -29.59
N LEU C 75 -17.09 2.82 -28.56
CA LEU C 75 -17.77 4.03 -28.15
C LEU C 75 -16.81 5.11 -27.65
N ALA C 76 -15.83 4.71 -26.84
CA ALA C 76 -14.86 5.66 -26.29
C ALA C 76 -13.99 6.27 -27.38
N ARG C 77 -13.60 5.44 -28.34
CA ARG C 77 -12.77 5.86 -29.47
C ARG C 77 -13.55 6.83 -30.32
N GLU C 78 -14.80 6.49 -30.61
CA GLU C 78 -15.56 7.37 -31.46
C GLU C 78 -16.06 8.65 -30.83
N LEU C 79 -16.23 8.68 -29.50
CA LEU C 79 -16.69 9.92 -28.86
C LEU C 79 -15.54 10.68 -28.18
N GLY C 80 -14.38 10.07 -28.08
CA GLY C 80 -13.24 10.73 -27.48
C GLY C 80 -13.34 10.92 -25.98
N LEU C 81 -13.78 9.89 -25.28
CA LEU C 81 -13.89 9.99 -23.84
C LEU C 81 -13.51 8.69 -23.15
N TYR C 82 -13.44 8.76 -21.82
CA TYR C 82 -13.10 7.60 -21.02
C TYR C 82 -14.38 7.05 -20.38
N ILE C 83 -14.41 5.73 -20.25
CA ILE C 83 -15.57 5.05 -19.67
C ILE C 83 -15.16 4.01 -18.63
N VAL C 84 -15.87 3.99 -17.50
CA VAL C 84 -15.66 2.94 -16.51
C VAL C 84 -17.04 2.28 -16.45
N ALA C 85 -17.10 0.96 -16.54
CA ALA C 85 -18.40 0.30 -16.59
C ALA C 85 -18.41 -1.04 -15.90
N GLY C 86 -19.49 -1.35 -15.18
CA GLY C 86 -19.59 -2.65 -14.52
C GLY C 86 -19.97 -3.71 -15.55
N THR C 87 -19.37 -4.90 -15.48
CA THR C 87 -19.66 -5.97 -16.44
C THR C 87 -19.33 -7.33 -15.83
N ALA C 88 -20.10 -8.36 -16.16
CA ALA C 88 -19.81 -9.70 -15.66
C ALA C 88 -18.62 -10.19 -16.50
N GLU C 89 -17.56 -10.59 -15.82
CA GLU C 89 -16.34 -11.07 -16.46
C GLU C 89 -16.19 -12.56 -16.45
N LYS C 90 -15.98 -13.13 -17.64
CA LYS C 90 -15.72 -14.56 -17.74
C LYS C 90 -14.21 -14.67 -17.92
N SER C 91 -13.59 -15.53 -17.12
CA SER C 91 -12.15 -15.75 -17.20
C SER C 91 -12.01 -17.26 -17.06
N GLY C 92 -11.85 -17.95 -18.19
CA GLY C 92 -11.76 -19.39 -18.10
C GLY C 92 -13.07 -19.93 -17.58
N ASN C 93 -12.99 -20.79 -16.57
CA ASN C 93 -14.16 -21.39 -15.95
C ASN C 93 -14.71 -20.50 -14.85
N TYR C 94 -14.06 -19.37 -14.62
CA TYR C 94 -14.50 -18.50 -13.52
C TYR C 94 -15.22 -17.26 -13.94
N LEU C 95 -15.90 -16.65 -12.96
CA LEU C 95 -16.67 -15.44 -13.19
C LEU C 95 -16.32 -14.43 -12.12
N TYR C 96 -16.16 -13.19 -12.54
CA TYR C 96 -15.90 -12.11 -11.58
C TYR C 96 -16.93 -11.01 -11.83
N ASN C 97 -17.27 -10.26 -10.78
CA ASN C 97 -18.18 -9.12 -10.89
C ASN C 97 -17.17 -7.98 -11.08
N SER C 98 -17.01 -7.52 -12.32
CA SER C 98 -15.95 -6.58 -12.67
C SER C 98 -16.31 -5.23 -13.20
N ALA C 99 -15.30 -4.41 -13.41
CA ALA C 99 -15.51 -3.12 -14.03
C ALA C 99 -14.33 -2.91 -14.99
N VAL C 100 -14.64 -2.48 -16.21
CA VAL C 100 -13.59 -2.20 -17.18
C VAL C 100 -13.39 -0.72 -17.39
N VAL C 101 -12.16 -0.35 -17.67
CA VAL C 101 -11.82 1.02 -17.93
C VAL C 101 -11.28 1.07 -19.37
N VAL C 102 -11.86 1.95 -20.18
CA VAL C 102 -11.43 2.14 -21.58
C VAL C 102 -11.33 3.63 -21.89
N GLY C 103 -10.50 3.94 -22.89
CA GLY C 103 -10.32 5.32 -23.30
C GLY C 103 -10.24 5.41 -24.83
N PRO C 104 -9.97 6.60 -25.37
CA PRO C 104 -9.88 6.83 -26.82
C PRO C 104 -8.86 5.97 -27.57
N ARG C 105 -7.85 5.47 -26.87
CA ARG C 105 -6.82 4.64 -27.49
C ARG C 105 -7.01 3.15 -27.23
N GLY C 106 -8.06 2.77 -26.50
CA GLY C 106 -8.26 1.34 -26.27
C GLY C 106 -8.52 0.96 -24.83
N TYR C 107 -8.34 -0.32 -24.54
CA TYR C 107 -8.51 -0.89 -23.22
C TYR C 107 -7.43 -0.38 -22.28
N ILE C 108 -7.83 0.01 -21.06
CA ILE C 108 -6.89 0.54 -20.08
C ILE C 108 -6.69 -0.45 -18.92
N GLY C 109 -7.78 -1.02 -18.42
CA GLY C 109 -7.60 -1.97 -17.34
C GLY C 109 -8.91 -2.44 -16.74
N LYS C 110 -8.82 -3.27 -15.71
CA LYS C 110 -10.03 -3.78 -15.08
C LYS C 110 -9.84 -3.95 -13.58
N TYR C 111 -10.98 -4.07 -12.88
CA TYR C 111 -11.02 -4.23 -11.43
C TYR C 111 -12.08 -5.30 -11.17
N ARG C 112 -11.82 -6.16 -10.19
CA ARG C 112 -12.73 -7.23 -9.84
C ARG C 112 -13.24 -6.97 -8.43
N LYS C 113 -14.58 -6.92 -8.30
CA LYS C 113 -15.18 -6.61 -6.99
C LYS C 113 -14.60 -7.41 -5.84
N ILE C 114 -14.00 -6.70 -4.88
CA ILE C 114 -13.37 -7.34 -3.73
C ILE C 114 -14.34 -7.86 -2.67
N HIS C 115 -15.39 -7.07 -2.38
CA HIS C 115 -16.38 -7.44 -1.39
C HIS C 115 -17.70 -7.83 -2.04
N LEU C 116 -17.94 -9.14 -2.15
CA LEU C 116 -19.17 -9.60 -2.78
C LEU C 116 -20.36 -9.45 -1.86
N PHE C 117 -21.51 -9.14 -2.48
CA PHE C 117 -22.75 -8.91 -1.77
C PHE C 117 -23.79 -10.00 -2.01
N TYR C 118 -24.34 -10.48 -0.91
CA TYR C 118 -25.41 -11.46 -0.87
C TYR C 118 -25.23 -12.62 -1.86
N ARG C 119 -26.17 -12.83 -2.80
CA ARG C 119 -26.08 -13.97 -3.73
C ARG C 119 -24.91 -13.95 -4.70
N GLU C 120 -24.26 -12.81 -4.83
CA GLU C 120 -23.09 -12.74 -5.70
C GLU C 120 -22.09 -13.83 -5.30
N LYS C 121 -22.10 -14.21 -4.03
CA LYS C 121 -21.16 -15.21 -3.51
C LYS C 121 -21.40 -16.59 -4.12
N VAL C 122 -22.60 -16.79 -4.62
CA VAL C 122 -22.96 -18.06 -5.26
C VAL C 122 -22.50 -18.10 -6.72
N PHE C 123 -22.24 -16.94 -7.32
CA PHE C 123 -21.86 -16.91 -8.73
C PHE C 123 -20.44 -16.51 -9.08
N PHE C 124 -19.95 -15.47 -8.41
CA PHE C 124 -18.66 -14.87 -8.71
C PHE C 124 -17.57 -15.23 -7.72
N GLU C 125 -16.34 -15.24 -8.21
CA GLU C 125 -15.21 -15.47 -7.31
C GLU C 125 -14.92 -14.09 -6.71
N PRO C 126 -14.44 -14.05 -5.45
CA PRO C 126 -14.09 -12.76 -4.83
C PRO C 126 -12.96 -12.14 -5.66
N GLY C 127 -12.98 -10.82 -5.85
CA GLY C 127 -11.95 -10.17 -6.63
C GLY C 127 -10.55 -10.43 -6.11
N ASP C 128 -9.61 -10.52 -7.05
CA ASP C 128 -8.25 -10.84 -6.68
C ASP C 128 -7.18 -9.95 -7.28
N LEU C 129 -7.54 -8.78 -7.80
CA LEU C 129 -6.58 -7.86 -8.39
C LEU C 129 -6.23 -6.72 -7.45
N GLY C 130 -6.96 -6.63 -6.34
CA GLY C 130 -6.75 -5.54 -5.41
C GLY C 130 -7.48 -4.31 -5.91
N PHE C 131 -7.21 -3.19 -5.27
CA PHE C 131 -7.85 -1.91 -5.59
C PHE C 131 -6.84 -1.14 -6.41
N LYS C 132 -7.19 -0.93 -7.67
CA LYS C 132 -6.33 -0.28 -8.66
C LYS C 132 -6.74 1.12 -9.10
N VAL C 133 -5.72 1.90 -9.46
CA VAL C 133 -5.90 3.27 -9.92
C VAL C 133 -5.38 3.27 -11.35
N PHE C 134 -6.14 3.91 -12.23
CA PHE C 134 -5.81 3.97 -13.66
C PHE C 134 -5.54 5.36 -14.13
N ASP C 135 -4.62 5.48 -15.07
CA ASP C 135 -4.26 6.78 -15.58
C ASP C 135 -5.12 7.08 -16.80
N ILE C 136 -5.89 8.17 -16.75
CA ILE C 136 -6.67 8.51 -17.93
C ILE C 136 -6.21 9.85 -18.47
N GLY C 137 -4.91 10.10 -18.30
CA GLY C 137 -4.30 11.32 -18.83
C GLY C 137 -4.49 12.57 -18.01
N PHE C 138 -5.72 13.07 -17.93
CA PHE C 138 -6.00 14.29 -17.17
C PHE C 138 -6.32 13.98 -15.70
N ALA C 139 -6.40 12.71 -15.36
CA ALA C 139 -6.71 12.33 -13.97
C ALA C 139 -6.33 10.88 -13.69
N LYS C 140 -6.22 10.57 -12.39
CA LYS C 140 -5.97 9.23 -11.93
C LYS C 140 -7.33 8.79 -11.38
N VAL C 141 -7.82 7.66 -11.89
CA VAL C 141 -9.15 7.18 -11.49
C VAL C 141 -9.12 5.85 -10.78
N GLY C 142 -9.61 5.84 -9.55
CA GLY C 142 -9.71 4.58 -8.85
C GLY C 142 -11.09 3.98 -9.16
N VAL C 143 -11.20 2.66 -9.02
CA VAL C 143 -12.47 1.98 -9.27
C VAL C 143 -12.85 1.03 -8.15
N ILE C 145 -16.66 -1.21 -6.76
CA ILE C 145 -17.98 -1.56 -7.25
C ILE C 145 -18.98 -1.78 -6.13
N CYS C 146 -20.12 -1.11 -6.29
CA CYS C 146 -21.27 -1.25 -5.42
C CYS C 146 -20.93 -1.41 -3.94
N PHE C 147 -21.23 -2.57 -3.34
CA PHE C 147 -21.00 -2.85 -1.92
C PHE C 147 -19.60 -2.53 -1.39
N ASP C 148 -18.62 -2.37 -2.26
CA ASP C 148 -17.28 -1.99 -1.79
C ASP C 148 -17.41 -0.64 -1.01
N TRP C 149 -18.45 0.14 -1.28
CA TRP C 149 -18.61 1.42 -0.56
C TRP C 149 -18.75 1.23 0.94
N PHE C 150 -19.33 0.10 1.33
CA PHE C 150 -19.62 -0.13 2.74
C PHE C 150 -18.37 -0.18 3.59
N PHE C 151 -17.28 -0.68 3.02
CA PHE C 151 -16.02 -0.77 3.75
C PHE C 151 -15.20 0.50 3.48
N PRO C 152 -14.97 1.34 4.49
CA PRO C 152 -14.20 2.54 4.23
C PRO C 152 -12.82 2.25 3.62
N GLU C 153 -12.27 1.08 3.92
CA GLU C 153 -10.97 0.70 3.38
C GLU C 153 -10.92 0.67 1.85
N SER C 154 -12.04 0.44 1.15
CA SER C 154 -11.98 0.38 -0.31
C SER C 154 -11.60 1.75 -0.88
N ALA C 155 -12.41 2.77 -0.60
CA ALA C 155 -12.11 4.12 -1.08
C ALA C 155 -10.79 4.63 -0.51
N ARG C 156 -10.50 4.30 0.74
CA ARG C 156 -9.25 4.75 1.35
C ARG C 156 -8.02 4.21 0.60
N THR C 157 -8.09 2.93 0.21
CA THR C 157 -6.98 2.32 -0.51
C THR C 157 -6.78 2.98 -1.88
N LEU C 158 -7.87 3.23 -2.59
CA LEU C 158 -7.79 3.87 -3.89
C LEU C 158 -7.19 5.26 -3.75
N ALA C 159 -7.66 6.03 -2.78
CA ALA C 159 -7.17 7.39 -2.59
C ALA C 159 -5.71 7.41 -2.17
N LEU C 160 -5.30 6.47 -1.31
CA LEU C 160 -3.90 6.45 -0.86
C LEU C 160 -2.96 6.04 -2.00
N LYS C 161 -3.50 5.37 -3.01
CA LYS C 161 -2.72 4.97 -4.19
C LYS C 161 -2.75 6.09 -5.23
N GLY C 162 -3.40 7.22 -4.91
CA GLY C 162 -3.41 8.36 -5.83
C GLY C 162 -4.67 8.68 -6.59
N ALA C 163 -5.72 7.91 -6.37
CA ALA C 163 -6.99 8.18 -7.09
C ALA C 163 -7.48 9.59 -6.77
N GLU C 164 -7.84 10.36 -7.82
CA GLU C 164 -8.36 11.72 -7.65
C GLU C 164 -9.89 11.69 -7.80
N ILE C 165 -10.36 10.72 -8.57
CA ILE C 165 -11.77 10.46 -8.80
C ILE C 165 -11.97 8.97 -8.52
N ILE C 166 -13.02 8.63 -7.79
CA ILE C 166 -13.34 7.21 -7.61
C ILE C 166 -14.60 6.95 -8.44
N ALA C 167 -14.44 6.13 -9.48
CA ALA C 167 -15.55 5.71 -10.37
C ALA C 167 -16.18 4.49 -9.68
N HIS C 168 -17.47 4.59 -9.46
CA HIS C 168 -18.18 3.60 -8.67
C HIS C 168 -19.46 3.04 -9.28
N PRO C 169 -19.35 2.03 -10.18
CA PRO C 169 -20.52 1.38 -10.80
C PRO C 169 -21.27 0.72 -9.62
N ALA C 170 -22.59 0.92 -9.52
CA ALA C 170 -23.35 0.33 -8.41
C ALA C 170 -24.74 -0.18 -8.86
N ASN C 171 -25.31 -1.10 -8.06
CA ASN C 171 -26.70 -1.60 -8.25
C ASN C 171 -27.18 -1.64 -6.79
N LEU C 172 -27.52 -0.47 -6.26
CA LEU C 172 -27.85 -0.35 -4.82
C LEU C 172 -29.26 -0.79 -4.46
N VAL C 173 -29.37 -1.56 -3.38
CA VAL C 173 -30.72 -1.94 -2.90
C VAL C 173 -30.94 -1.43 -1.45
N PRO C 175 -30.68 1.52 1.56
CA PRO C 175 -30.86 2.99 1.44
C PRO C 175 -29.69 3.88 1.72
N TYR C 176 -28.61 3.29 2.20
CA TYR C 176 -27.50 4.07 2.70
C TYR C 176 -26.47 4.72 1.84
N ALA C 177 -26.10 4.10 0.71
CA ALA C 177 -24.97 4.68 -0.01
C ALA C 177 -25.02 6.18 -0.36
N PRO C 178 -26.18 6.72 -0.76
CA PRO C 178 -26.21 8.15 -1.10
C PRO C 178 -25.80 9.07 0.04
N ARG C 179 -26.09 8.66 1.27
CA ARG C 179 -25.70 9.42 2.46
C ARG C 179 -24.23 9.17 2.79
N ALA C 180 -23.71 8.01 2.39
CA ALA C 180 -22.32 7.69 2.71
C ALA C 180 -21.29 8.21 1.72
N PRO C 182 -20.86 11.03 0.17
CA PRO C 182 -20.22 12.35 0.40
C PRO C 182 -19.15 12.26 1.52
N ILE C 183 -19.32 11.30 2.43
CA ILE C 183 -18.35 11.12 3.50
C ILE C 183 -17.10 10.40 2.96
N ARG C 184 -17.30 9.44 2.04
CA ARG C 184 -16.15 8.77 1.41
C ARG C 184 -15.35 9.79 0.62
N ALA C 185 -16.05 10.71 -0.06
CA ALA C 185 -15.36 11.73 -0.83
C ALA C 185 -14.60 12.68 0.11
N LEU C 186 -15.26 13.13 1.17
CA LEU C 186 -14.65 14.04 2.15
C LEU C 186 -13.42 13.46 2.86
N GLU C 187 -13.57 12.25 3.40
CA GLU C 187 -12.50 11.68 4.22
C GLU C 187 -11.25 11.37 3.44
N ASN C 188 -11.39 11.25 2.12
CA ASN C 188 -10.24 10.99 1.25
C ASN C 188 -9.88 12.20 0.39
N ARG C 189 -10.70 13.25 0.47
CA ARG C 189 -10.56 14.45 -0.38
C ARG C 189 -10.45 14.06 -1.86
N VAL C 190 -11.45 13.35 -2.33
CA VAL C 190 -11.53 12.94 -3.74
C VAL C 190 -12.92 13.18 -4.24
N TYR C 191 -13.08 13.13 -5.56
CA TYR C 191 -14.42 13.19 -6.12
C TYR C 191 -14.87 11.75 -6.27
N THR C 192 -16.19 11.51 -6.09
CA THR C 192 -16.74 10.18 -6.28
C THR C 192 -17.88 10.28 -7.28
N ILE C 193 -17.94 9.31 -8.18
CA ILE C 193 -19.03 9.24 -9.17
C ILE C 193 -19.70 7.87 -8.99
N THR C 194 -20.90 7.87 -8.43
CA THR C 194 -21.61 6.62 -8.22
C THR C 194 -22.66 6.51 -9.29
N ALA C 195 -22.51 5.54 -10.18
CA ALA C 195 -23.52 5.35 -11.24
C ALA C 195 -24.37 4.16 -10.83
N ASP C 196 -25.59 4.45 -10.39
CA ASP C 196 -26.51 3.39 -9.97
C ASP C 196 -27.50 3.07 -11.08
N ARG C 197 -28.06 1.88 -11.00
CA ARG C 197 -29.11 1.52 -11.95
C ARG C 197 -30.44 1.83 -11.25
N VAL C 198 -31.52 1.64 -11.99
CA VAL C 198 -32.86 1.83 -11.46
C VAL C 198 -33.63 0.57 -11.84
N GLY C 199 -34.87 0.52 -11.38
CA GLY C 199 -35.79 -0.54 -11.78
C GLY C 199 -36.04 -1.68 -10.84
N GLU C 200 -36.96 -2.56 -11.26
CA GLU C 200 -37.34 -3.74 -10.52
C GLU C 200 -36.81 -4.95 -11.30
N GLU C 201 -36.30 -5.93 -10.58
CA GLU C 201 -35.74 -7.09 -11.29
C GLU C 201 -35.90 -8.35 -10.48
N ARG C 202 -36.90 -9.14 -10.86
CA ARG C 202 -37.17 -10.42 -10.19
C ARG C 202 -37.28 -10.32 -8.69
N GLY C 203 -37.85 -9.21 -8.21
CA GLY C 203 -38.03 -9.04 -6.78
C GLY C 203 -37.20 -7.93 -6.16
N LEU C 204 -35.99 -7.73 -6.71
CA LEU C 204 -35.11 -6.70 -6.19
C LEU C 204 -35.54 -5.36 -6.73
N LYS C 205 -35.43 -4.33 -5.90
CA LYS C 205 -35.80 -2.97 -6.29
C LYS C 205 -34.59 -2.07 -6.08
N PHE C 206 -34.01 -1.57 -7.18
CA PHE C 206 -32.82 -0.71 -7.08
C PHE C 206 -33.25 0.70 -6.73
N ILE C 207 -32.36 1.45 -6.08
CA ILE C 207 -32.77 2.76 -5.57
C ILE C 207 -32.41 3.97 -6.38
N GLY C 208 -31.73 3.79 -7.51
CA GLY C 208 -31.32 4.93 -8.30
C GLY C 208 -30.43 5.83 -7.48
N LYS C 209 -30.70 7.13 -7.48
CA LYS C 209 -29.89 8.08 -6.70
C LYS C 209 -28.39 8.11 -6.99
N SER C 210 -28.04 7.89 -8.26
CA SER C 210 -26.65 8.08 -8.68
C SER C 210 -26.24 9.47 -8.19
N LEU C 211 -24.97 9.66 -7.85
CA LEU C 211 -24.56 10.99 -7.39
C LEU C 211 -23.08 11.22 -7.55
N ILE C 212 -22.71 12.50 -7.67
CA ILE C 212 -21.30 12.88 -7.74
C ILE C 212 -21.08 13.73 -6.50
N ALA C 213 -20.03 13.39 -5.74
CA ALA C 213 -19.72 14.11 -4.50
C ALA C 213 -18.32 14.65 -4.62
N SER C 214 -18.10 15.80 -3.99
CA SER C 214 -16.79 16.46 -4.05
C SER C 214 -15.95 16.21 -2.79
N PRO C 215 -14.67 16.65 -2.82
CA PRO C 215 -13.74 16.51 -1.68
C PRO C 215 -14.25 17.24 -0.46
N LYS C 216 -15.22 18.13 -0.62
CA LYS C 216 -15.80 18.87 0.52
C LYS C 216 -17.20 18.36 0.87
N ALA C 217 -17.45 17.11 0.51
CA ALA C 217 -18.71 16.42 0.80
C ALA C 217 -19.92 17.05 0.13
N GLU C 218 -19.68 17.84 -0.91
CA GLU C 218 -20.83 18.47 -1.55
C GLU C 218 -21.40 17.54 -2.62
N VAL C 219 -22.72 17.34 -2.60
CA VAL C 219 -23.37 16.54 -3.63
C VAL C 219 -23.62 17.48 -4.81
N LEU C 220 -22.81 17.31 -5.85
CA LEU C 220 -22.90 18.20 -7.01
C LEU C 220 -24.03 17.86 -7.94
N SER C 221 -24.38 16.58 -7.97
CA SER C 221 -25.48 16.12 -8.83
C SER C 221 -26.03 14.85 -8.20
N ILE C 222 -27.35 14.75 -8.10
CA ILE C 222 -27.95 13.51 -7.58
C ILE C 222 -29.17 13.22 -8.44
N ALA C 223 -29.32 11.95 -8.81
CA ALA C 223 -30.39 11.53 -9.72
C ALA C 223 -31.65 11.08 -9.00
N SER C 224 -32.70 10.91 -9.81
CA SER C 224 -33.98 10.42 -9.32
C SER C 224 -33.83 8.97 -8.82
N GLU C 225 -34.89 8.49 -8.19
CA GLU C 225 -34.90 7.12 -7.70
C GLU C 225 -35.25 6.10 -8.78
N THR C 226 -36.04 6.51 -9.78
CA THR C 226 -36.53 5.55 -10.76
C THR C 226 -36.32 5.86 -12.24
N GLU C 227 -35.82 7.05 -12.55
CA GLU C 227 -35.68 7.39 -13.98
C GLU C 227 -34.29 7.22 -14.57
N GLU C 228 -34.23 6.91 -15.87
CA GLU C 228 -32.94 6.83 -16.53
C GLU C 228 -32.55 8.26 -16.85
N GLU C 229 -31.31 8.60 -16.53
CA GLU C 229 -30.84 9.96 -16.77
C GLU C 229 -29.34 10.06 -16.66
N ILE C 230 -28.78 11.19 -17.07
CA ILE C 230 -27.33 11.34 -16.94
C ILE C 230 -27.10 12.50 -15.98
N GLY C 231 -25.89 12.60 -15.46
CA GLY C 231 -25.57 13.71 -14.57
C GLY C 231 -24.15 14.09 -14.91
N VAL C 232 -23.95 15.31 -15.44
CA VAL C 232 -22.62 15.74 -15.84
C VAL C 232 -22.27 17.04 -15.09
N VAL C 233 -21.13 17.07 -14.42
CA VAL C 233 -20.75 18.29 -13.70
C VAL C 233 -19.27 18.63 -13.88
N GLU C 234 -18.95 19.92 -13.67
CA GLU C 234 -17.59 20.41 -13.74
C GLU C 234 -16.95 20.13 -12.39
N ILE C 235 -15.71 19.65 -12.42
CA ILE C 235 -14.97 19.41 -11.20
C ILE C 235 -13.58 20.00 -11.31
N ASP C 236 -12.96 20.26 -10.15
CA ASP C 236 -11.61 20.82 -10.09
C ASP C 236 -10.65 19.79 -9.49
N LEU C 237 -9.86 19.13 -10.33
CA LEU C 237 -9.00 18.10 -9.78
C LEU C 237 -7.94 18.60 -8.81
N ASN C 238 -7.59 19.88 -8.87
CA ASN C 238 -6.62 20.40 -7.91
C ASN C 238 -7.13 20.22 -6.50
N LEU C 239 -8.45 20.26 -6.32
CA LEU C 239 -9.04 20.09 -4.99
C LEU C 239 -8.83 18.68 -4.48
N ALA C 240 -8.82 17.69 -5.36
CA ALA C 240 -8.59 16.30 -4.94
C ALA C 240 -7.07 16.04 -4.71
N ARG C 241 -6.22 16.78 -5.43
CA ARG C 241 -4.78 16.60 -5.28
C ARG C 241 -4.20 17.21 -4.03
N ASN C 242 -4.86 18.27 -3.55
CA ASN C 242 -4.40 19.00 -2.35
C ASN C 242 -5.05 18.41 -1.13
N LYS C 243 -4.27 17.69 -0.34
CA LYS C 243 -4.81 17.06 0.86
C LYS C 243 -4.77 17.94 2.10
N ARG C 244 -4.45 19.22 1.93
CA ARG C 244 -4.40 20.14 3.08
C ARG C 244 -5.78 20.66 3.45
N LEU C 245 -6.37 20.07 4.49
CA LEU C 245 -7.68 20.48 4.95
C LEU C 245 -7.59 21.94 5.44
N ASN C 246 -6.47 22.26 6.10
CA ASN C 246 -6.18 23.60 6.56
C ASN C 246 -4.64 23.70 6.60
N ASP C 247 -4.12 24.86 7.00
CA ASP C 247 -2.67 25.10 7.06
C ASP C 247 -1.83 24.14 7.85
N ASN C 249 -2.98 20.83 8.74
CA ASN C 249 -3.43 19.43 8.63
C ASN C 249 -3.52 18.92 7.19
N ASP C 250 -2.60 18.06 6.82
CA ASP C 250 -2.64 17.42 5.50
C ASP C 250 -3.20 16.03 5.88
N ILE C 251 -4.37 15.70 5.34
CA ILE C 251 -5.03 14.46 5.70
C ILE C 251 -4.18 13.21 5.58
N PHE C 252 -3.37 13.11 4.53
CA PHE C 252 -2.58 11.90 4.37
C PHE C 252 -1.34 11.90 5.24
N LYS C 253 -0.70 13.06 5.38
CA LYS C 253 0.48 13.13 6.24
C LYS C 253 0.09 12.94 7.71
N ASP C 254 -1.18 13.24 8.03
CA ASP C 254 -1.67 13.09 9.40
C ASP C 254 -1.97 11.62 9.77
N ARG C 255 -2.05 10.73 8.80
CA ARG C 255 -2.33 9.35 9.17
C ARG C 255 -1.20 8.75 9.99
N ARG C 256 -1.57 7.90 10.95
CA ARG C 256 -0.60 7.25 11.82
C ARG C 256 -0.96 5.77 11.83
N GLU C 257 -0.54 5.09 10.76
CA GLU C 257 -0.84 3.67 10.55
C GLU C 257 -0.48 2.70 11.65
N GLU C 258 0.56 3.01 12.43
CA GLU C 258 0.97 2.14 13.50
C GLU C 258 -0.15 1.97 14.54
N TYR C 259 -1.15 2.85 14.55
CA TYR C 259 -2.27 2.71 15.50
C TYR C 259 -3.55 2.17 14.86
N TYR C 260 -3.50 1.84 13.58
CA TYR C 260 -4.71 1.34 12.94
C TYR C 260 -4.77 -0.16 12.84
N PHE C 261 -5.92 -0.78 13.04
CA PHE C 261 -5.78 -2.18 12.73
C PHE C 261 -6.27 -2.34 11.32
N ARG C 262 -5.98 -1.25 10.60
CA ARG C 262 -6.22 -0.98 9.20
C ARG C 262 -7.63 -0.50 8.88
N VAL D 2 -30.13 -0.26 27.11
CA VAL D 2 -29.58 0.53 28.21
C VAL D 2 -29.63 1.99 27.80
N LYS D 3 -29.73 2.89 28.77
CA LYS D 3 -29.77 4.33 28.46
C LYS D 3 -28.37 4.92 28.51
N VAL D 4 -28.00 5.65 27.45
CA VAL D 4 -26.71 6.31 27.39
C VAL D 4 -26.96 7.74 26.89
N GLY D 5 -26.00 8.62 27.11
CA GLY D 5 -26.24 10.00 26.67
C GLY D 5 -25.04 10.90 26.53
N TYR D 6 -25.27 12.04 25.88
CA TYR D 6 -24.25 13.08 25.75
C TYR D 6 -24.63 14.24 26.66
N ILE D 7 -23.60 15.00 27.02
CA ILE D 7 -23.75 16.20 27.83
C ILE D 7 -23.18 17.31 26.93
N GLN D 8 -24.05 18.18 26.42
CA GLN D 8 -23.58 19.30 25.57
C GLN D 8 -23.50 20.53 26.47
N GLU D 10 -21.06 24.39 27.56
CA GLU D 10 -20.20 25.47 27.12
C GLU D 10 -19.09 25.70 28.13
N PRO D 11 -17.94 25.04 27.94
CA PRO D 11 -16.81 25.22 28.87
C PRO D 11 -16.40 26.69 28.76
N LYS D 12 -16.01 27.31 29.88
CA LYS D 12 -15.49 28.70 29.83
C LYS D 12 -13.99 28.52 29.98
N ILE D 13 -13.22 29.03 29.02
CA ILE D 13 -11.78 28.81 28.99
C ILE D 13 -11.03 29.16 30.27
N LEU D 14 -10.25 28.21 30.76
CA LEU D 14 -9.45 28.32 31.98
C LEU D 14 -10.21 28.31 33.31
N GLU D 15 -11.53 28.27 33.27
CA GLU D 15 -12.34 28.27 34.51
C GLU D 15 -12.72 26.85 34.94
N LEU D 16 -11.73 26.10 35.36
CA LEU D 16 -11.92 24.69 35.74
C LEU D 16 -13.08 24.45 36.70
N ASP D 17 -13.09 25.15 37.83
CA ASP D 17 -14.18 24.94 38.78
C ASP D 17 -15.56 25.23 38.21
N LYS D 18 -15.68 26.32 37.48
CA LYS D 18 -16.96 26.67 36.89
C LYS D 18 -17.38 25.54 35.93
N ASN D 19 -16.43 24.99 35.19
CA ASN D 19 -16.75 23.89 34.24
C ASN D 19 -17.11 22.59 34.94
N TYR D 20 -16.45 22.29 36.06
CA TYR D 20 -16.84 21.09 36.82
C TYR D 20 -18.28 21.27 37.34
N SER D 21 -18.61 22.48 37.83
CA SER D 21 -19.97 22.71 38.36
C SER D 21 -21.04 22.51 37.31
N LYS D 22 -20.76 23.01 36.10
CA LYS D 22 -21.69 22.89 34.98
C LYS D 22 -21.82 21.41 34.57
N ALA D 23 -20.71 20.72 34.46
CA ALA D 23 -20.75 19.26 34.14
C ALA D 23 -21.55 18.50 35.19
N GLU D 24 -21.31 18.79 36.46
CA GLU D 24 -22.05 18.11 37.53
C GLU D 24 -23.56 18.35 37.43
N LYS D 25 -23.98 19.59 37.20
CA LYS D 25 -25.39 19.88 37.08
C LYS D 25 -26.07 19.09 35.96
N LEU D 26 -25.44 19.07 34.79
CA LEU D 26 -26.02 18.37 33.64
C LEU D 26 -25.94 16.87 33.79
N ILE D 27 -24.84 16.37 34.38
CA ILE D 27 -24.72 14.92 34.55
C ILE D 27 -25.76 14.46 35.59
N LYS D 28 -26.05 15.30 36.60
CA LYS D 28 -27.08 14.88 37.56
C LYS D 28 -28.43 14.81 36.87
N GLU D 29 -28.68 15.73 35.94
CA GLU D 29 -29.91 15.67 35.17
C GLU D 29 -29.97 14.38 34.35
N ALA D 30 -28.86 13.97 33.73
CA ALA D 30 -28.86 12.74 32.93
C ALA D 30 -29.05 11.52 33.84
N SER D 31 -28.44 11.55 35.03
CA SER D 31 -28.60 10.44 35.99
C SER D 31 -30.11 10.29 36.37
N LYS D 32 -30.79 11.42 36.54
CA LYS D 32 -32.24 11.36 36.88
C LYS D 32 -33.06 10.72 35.77
N GLU D 33 -32.58 10.87 34.54
CA GLU D 33 -33.23 10.26 33.38
C GLU D 33 -32.88 8.79 33.25
N GLY D 34 -31.96 8.33 34.07
CA GLY D 34 -31.59 6.91 34.01
C GLY D 34 -30.35 6.55 33.19
N ALA D 35 -29.60 7.56 32.73
CA ALA D 35 -28.41 7.26 31.94
C ALA D 35 -27.41 6.45 32.75
N LYS D 36 -26.82 5.42 32.13
CA LYS D 36 -25.81 4.59 32.79
C LYS D 36 -24.40 4.96 32.27
N LEU D 37 -24.34 5.64 31.14
CA LEU D 37 -23.07 6.11 30.57
C LEU D 37 -23.36 7.49 30.02
N VAL D 38 -22.49 8.44 30.37
CA VAL D 38 -22.62 9.81 29.84
C VAL D 38 -21.25 10.23 29.29
N VAL D 39 -21.28 11.04 28.23
CA VAL D 39 -20.06 11.53 27.59
C VAL D 39 -20.02 13.06 27.63
N LEU D 40 -18.90 13.62 28.05
CA LEU D 40 -18.67 15.09 28.12
C LEU D 40 -17.81 15.50 26.92
N PRO D 41 -17.83 16.80 26.57
CA PRO D 41 -17.02 17.23 25.42
C PRO D 41 -15.52 17.11 25.57
N GLU D 42 -14.85 17.35 24.44
CA GLU D 42 -13.40 17.41 24.40
C GLU D 42 -12.97 18.59 25.31
N LEU D 43 -11.86 18.43 26.03
CA LEU D 43 -11.33 19.51 26.90
C LEU D 43 -12.48 20.27 27.61
N PHE D 44 -13.36 19.55 28.28
CA PHE D 44 -14.48 20.23 28.90
C PHE D 44 -14.05 21.03 30.11
N ASP D 45 -12.93 20.63 30.68
CA ASP D 45 -12.45 21.30 31.88
C ASP D 45 -11.69 22.58 31.62
N THR D 46 -10.83 22.59 30.58
CA THR D 46 -9.98 23.75 30.31
C THR D 46 -10.45 24.72 29.24
N GLY D 47 -11.34 24.27 28.37
CA GLY D 47 -11.65 25.14 27.25
C GLY D 47 -10.67 24.67 26.18
N TYR D 48 -10.73 25.31 25.00
CA TYR D 48 -9.98 24.90 23.82
C TYR D 48 -8.98 25.85 23.14
N ASN D 49 -9.45 27.07 22.91
CA ASN D 49 -8.69 28.04 22.11
C ASN D 49 -7.61 28.82 22.86
N PHE D 50 -6.58 28.11 23.29
CA PHE D 50 -5.47 28.70 24.04
C PHE D 50 -4.63 29.64 23.19
N GLU D 51 -4.08 30.64 23.85
CA GLU D 51 -3.22 31.59 23.15
C GLU D 51 -1.76 31.15 23.16
N SER D 52 -1.41 30.28 24.10
CA SER D 52 -0.04 29.78 24.20
C SER D 52 -0.04 28.45 24.92
N ARG D 53 1.05 27.70 24.77
CA ARG D 53 1.15 26.43 25.45
C ARG D 53 1.25 26.66 26.95
N GLU D 54 1.88 27.76 27.36
CA GLU D 54 1.98 28.01 28.80
C GLU D 54 0.61 28.16 29.46
N GLU D 55 -0.32 28.81 28.76
CA GLU D 55 -1.67 29.03 29.26
C GLU D 55 -2.36 27.70 29.60
N VAL D 56 -2.28 26.73 28.71
CA VAL D 56 -2.92 25.47 29.01
C VAL D 56 -2.03 24.66 29.97
N PHE D 57 -0.72 24.74 29.79
CA PHE D 57 0.16 23.98 30.67
C PHE D 57 -0.08 24.37 32.15
N ASP D 58 -0.37 25.63 32.39
CA ASP D 58 -0.55 26.08 33.78
C ASP D 58 -1.87 25.67 34.43
N VAL D 59 -2.82 25.14 33.65
CA VAL D 59 -4.09 24.68 34.24
C VAL D 59 -4.28 23.17 34.07
N ALA D 60 -3.55 22.57 33.15
CA ALA D 60 -3.70 21.14 32.86
C ALA D 60 -3.43 20.25 34.05
N GLN D 61 -4.31 19.27 34.25
CA GLN D 61 -4.27 18.33 35.36
C GLN D 61 -3.73 16.96 35.02
N GLN D 62 -3.06 16.33 35.99
CA GLN D 62 -2.52 14.99 35.82
C GLN D 62 -3.66 13.96 35.92
N ILE D 63 -3.51 12.84 35.22
CA ILE D 63 -4.49 11.75 35.26
C ILE D 63 -3.79 10.59 35.93
N PRO D 64 -4.43 9.94 36.92
CA PRO D 64 -5.77 10.22 37.47
C PRO D 64 -5.83 11.04 38.76
N GLU D 65 -4.69 11.45 39.32
CA GLU D 65 -4.74 12.21 40.58
C GLU D 65 -5.09 13.69 40.51
N GLY D 66 -5.07 14.26 39.31
CA GLY D 66 -5.38 15.68 39.14
C GLY D 66 -6.84 16.04 39.42
N GLU D 67 -7.13 17.32 39.39
CA GLU D 67 -8.46 17.79 39.73
C GLU D 67 -9.58 17.27 38.86
N THR D 68 -9.32 17.17 37.57
CA THR D 68 -10.42 16.77 36.71
C THR D 68 -10.84 15.33 36.89
N THR D 69 -9.89 14.42 36.85
CA THR D 69 -10.24 13.02 36.99
C THR D 69 -10.79 12.74 38.38
N THR D 70 -10.25 13.39 39.40
CA THR D 70 -10.73 13.19 40.76
C THR D 70 -12.20 13.61 40.90
N PHE D 71 -12.52 14.78 40.37
CA PHE D 71 -13.90 15.29 40.38
C PHE D 71 -14.83 14.27 39.68
N LEU D 72 -14.41 13.77 38.51
CA LEU D 72 -15.26 12.83 37.77
C LEU D 72 -15.44 11.49 38.50
N GLU D 74 -15.39 11.10 41.69
CA GLU D 74 -16.29 11.35 42.82
C GLU D 74 -17.73 11.41 42.34
N LEU D 75 -17.93 12.07 41.20
CA LEU D 75 -19.26 12.18 40.66
C LEU D 75 -19.81 10.83 40.23
N ALA D 76 -18.98 10.03 39.58
CA ALA D 76 -19.41 8.72 39.12
C ALA D 76 -19.75 7.79 40.29
N ARG D 77 -19.01 7.90 41.40
CA ARG D 77 -19.28 7.06 42.58
C ARG D 77 -20.60 7.56 43.21
N GLU D 78 -20.75 8.86 43.32
CA GLU D 78 -21.96 9.44 43.90
C GLU D 78 -23.22 9.04 43.14
N LEU D 79 -23.17 9.08 41.81
CA LEU D 79 -24.34 8.77 40.99
C LEU D 79 -24.45 7.32 40.48
N GLY D 80 -23.37 6.55 40.63
CA GLY D 80 -23.41 5.18 40.18
C GLY D 80 -23.46 5.01 38.67
N LEU D 81 -22.73 5.84 37.93
CA LEU D 81 -22.70 5.68 36.46
C LEU D 81 -21.29 5.81 35.90
N TYR D 82 -21.15 5.66 34.58
CA TYR D 82 -19.85 5.73 33.93
C TYR D 82 -19.76 7.03 33.15
N ILE D 83 -18.56 7.60 33.13
CA ILE D 83 -18.37 8.86 32.44
C ILE D 83 -17.14 8.81 31.57
N VAL D 84 -17.25 9.35 30.36
CA VAL D 84 -16.10 9.47 29.47
C VAL D 84 -16.03 10.99 29.25
N ALA D 85 -14.86 11.60 29.45
CA ALA D 85 -14.76 13.05 29.33
C ALA D 85 -13.44 13.49 28.75
N GLY D 86 -13.49 14.53 27.92
CA GLY D 86 -12.27 15.10 27.36
C GLY D 86 -11.60 16.00 28.40
N THR D 87 -10.28 15.89 28.52
CA THR D 87 -9.55 16.69 29.51
C THR D 87 -8.10 16.95 29.06
N ALA D 88 -7.56 18.12 29.38
CA ALA D 88 -6.16 18.41 29.04
C ALA D 88 -5.31 17.60 30.04
N GLU D 89 -4.47 16.71 29.54
CA GLU D 89 -3.65 15.91 30.41
C GLU D 89 -2.23 16.43 30.56
N LYS D 90 -1.80 16.67 31.79
CA LYS D 90 -0.43 17.06 32.02
C LYS D 90 0.28 15.78 32.45
N SER D 91 1.42 15.46 31.82
CA SER D 91 2.20 14.27 32.19
C SER D 91 3.66 14.73 32.19
N GLY D 92 4.10 15.12 33.38
CA GLY D 92 5.45 15.63 33.50
C GLY D 92 5.51 16.99 32.83
N ASN D 93 6.42 17.12 31.87
CA ASN D 93 6.57 18.38 31.17
C ASN D 93 5.76 18.39 29.88
N TYR D 94 5.04 17.31 29.63
CA TYR D 94 4.28 17.19 28.38
C TYR D 94 2.77 17.30 28.58
N LEU D 95 2.06 17.56 27.48
CA LEU D 95 0.61 17.72 27.50
C LEU D 95 0.00 16.83 26.42
N TYR D 96 -1.13 16.20 26.75
CA TYR D 96 -1.85 15.38 25.79
C TYR D 96 -3.29 15.87 25.79
N ASN D 97 -3.98 15.74 24.64
CA ASN D 97 -5.39 16.12 24.52
C ASN D 97 -6.04 14.75 24.77
N SER D 98 -6.61 14.57 25.96
CA SER D 98 -7.04 13.22 26.36
C SER D 98 -8.48 13.05 26.73
N ALA D 99 -8.85 11.81 27.00
CA ALA D 99 -10.19 11.54 27.49
C ALA D 99 -10.02 10.49 28.58
N VAL D 100 -10.75 10.68 29.69
CA VAL D 100 -10.69 9.72 30.78
C VAL D 100 -12.01 8.97 30.89
N VAL D 101 -11.94 7.76 31.40
CA VAL D 101 -13.09 6.89 31.57
C VAL D 101 -13.14 6.55 33.07
N VAL D 102 -14.27 6.84 33.72
CA VAL D 102 -14.39 6.54 35.14
C VAL D 102 -15.71 5.84 35.37
N GLY D 103 -15.82 5.18 36.52
CA GLY D 103 -17.03 4.43 36.83
C GLY D 103 -17.33 4.47 38.32
N PRO D 104 -18.38 3.77 38.76
CA PRO D 104 -18.79 3.73 40.16
C PRO D 104 -17.71 3.32 41.13
N ARG D 105 -16.75 2.53 40.67
CA ARG D 105 -15.69 2.05 41.55
C ARG D 105 -14.34 2.73 41.33
N GLY D 106 -14.31 3.77 40.49
CA GLY D 106 -13.08 4.49 40.30
C GLY D 106 -12.62 4.71 38.89
N TYR D 107 -11.31 4.98 38.77
CA TYR D 107 -10.67 5.25 37.49
C TYR D 107 -10.60 3.99 36.64
N ILE D 108 -10.92 4.08 35.35
CA ILE D 108 -10.89 2.91 34.47
C ILE D 108 -9.76 3.02 33.46
N GLY D 109 -9.59 4.21 32.88
CA GLY D 109 -8.52 4.35 31.90
C GLY D 109 -8.55 5.65 31.14
N LYS D 110 -7.58 5.80 30.24
CA LYS D 110 -7.50 7.02 29.44
C LYS D 110 -7.15 6.74 27.98
N TYR D 111 -7.42 7.73 27.14
CA TYR D 111 -7.11 7.67 25.74
C TYR D 111 -6.49 9.02 25.40
N ARG D 112 -5.47 9.01 24.56
CA ARG D 112 -4.80 10.24 24.14
C ARG D 112 -5.04 10.44 22.64
N LYS D 113 -5.56 11.61 22.29
CA LYS D 113 -5.93 11.94 20.90
C LYS D 113 -4.82 11.66 19.92
N ILE D 114 -5.11 10.73 19.00
CA ILE D 114 -4.14 10.28 18.01
C ILE D 114 -3.95 11.26 16.87
N HIS D 115 -5.04 11.88 16.40
CA HIS D 115 -4.96 12.83 15.30
C HIS D 115 -5.22 14.24 15.80
N LEU D 116 -4.13 14.99 16.04
CA LEU D 116 -4.26 16.36 16.52
C LEU D 116 -4.78 17.30 15.42
N PHE D 117 -5.63 18.24 15.84
CA PHE D 117 -6.23 19.20 14.93
C PHE D 117 -5.71 20.63 15.07
N TYR D 118 -5.27 21.18 13.93
CA TYR D 118 -4.84 22.57 13.81
C TYR D 118 -3.88 22.99 14.93
N ARG D 119 -4.23 24.05 15.66
CA ARG D 119 -3.31 24.55 16.71
C ARG D 119 -3.02 23.63 17.89
N GLU D 120 -3.78 22.54 17.99
CA GLU D 120 -3.52 21.55 19.01
C GLU D 120 -2.08 21.06 18.86
N LYS D 121 -1.55 21.12 17.63
CA LYS D 121 -0.19 20.66 17.39
C LYS D 121 0.90 21.52 18.04
N VAL D 122 0.55 22.74 18.36
CA VAL D 122 1.46 23.68 19.03
C VAL D 122 1.54 23.38 20.54
N PHE D 123 0.50 22.74 21.10
CA PHE D 123 0.45 22.54 22.55
C PHE D 123 0.60 21.10 23.04
N PHE D 124 -0.06 20.20 22.32
CA PHE D 124 -0.10 18.80 22.71
C PHE D 124 0.81 17.87 21.95
N GLU D 125 1.26 16.82 22.64
CA GLU D 125 2.05 15.78 22.00
C GLU D 125 0.97 14.88 21.33
N PRO D 126 1.30 14.27 20.17
CA PRO D 126 0.33 13.39 19.49
C PRO D 126 0.10 12.20 20.43
N GLY D 127 -1.12 11.67 20.45
CA GLY D 127 -1.45 10.54 21.31
C GLY D 127 -0.57 9.33 21.06
N ASP D 128 -0.27 8.59 22.12
CA ASP D 128 0.62 7.44 21.99
C ASP D 128 0.16 6.12 22.61
N LEU D 129 -1.11 5.99 22.96
CA LEU D 129 -1.61 4.77 23.58
C LEU D 129 -2.44 3.92 22.62
N GLY D 130 -2.63 4.41 21.39
CA GLY D 130 -3.45 3.64 20.48
C GLY D 130 -4.93 3.85 20.78
N PHE D 131 -5.79 3.16 20.05
CA PHE D 131 -7.23 3.25 20.20
C PHE D 131 -7.66 2.14 21.13
N LYS D 132 -8.15 2.51 22.31
CA LYS D 132 -8.52 1.55 23.34
C LYS D 132 -10.02 1.37 23.58
N VAL D 133 -10.36 0.15 24.01
CA VAL D 133 -11.73 -0.23 24.33
C VAL D 133 -11.78 -0.59 25.82
N PHE D 134 -12.81 -0.11 26.50
CA PHE D 134 -12.95 -0.31 27.93
C PHE D 134 -14.21 -1.03 28.28
N ASP D 135 -14.11 -1.97 29.20
CA ASP D 135 -15.24 -2.77 29.62
C ASP D 135 -15.99 -2.06 30.73
N ILE D 136 -17.24 -1.71 30.49
CA ILE D 136 -18.03 -1.12 31.55
C ILE D 136 -19.18 -2.05 31.95
N GLY D 137 -18.98 -3.34 31.74
CA GLY D 137 -19.96 -4.33 32.16
C GLY D 137 -21.14 -4.59 31.25
N PHE D 138 -21.96 -3.56 31.05
CA PHE D 138 -23.10 -3.73 30.18
C PHE D 138 -22.69 -3.45 28.74
N ALA D 139 -21.48 -2.93 28.53
CA ALA D 139 -21.01 -2.67 27.16
C ALA D 139 -19.50 -2.52 27.10
N LYS D 140 -18.95 -2.66 25.90
CA LYS D 140 -17.54 -2.41 25.66
C LYS D 140 -17.57 -1.03 24.97
N VAL D 141 -16.84 -0.09 25.55
CA VAL D 141 -16.85 1.28 25.02
C VAL D 141 -15.51 1.71 24.47
N GLY D 142 -15.49 2.09 23.19
CA GLY D 142 -14.27 2.60 22.59
C GLY D 142 -14.29 4.11 22.75
N VAL D 143 -13.12 4.74 22.73
CA VAL D 143 -13.04 6.20 22.86
C VAL D 143 -12.19 6.84 21.79
N ILE D 145 -11.43 11.06 20.06
CA ILE D 145 -11.69 12.45 20.37
C ILE D 145 -11.76 13.32 19.11
N CYS D 146 -12.82 14.13 19.04
CA CYS D 146 -13.05 15.12 18.00
C CYS D 146 -12.57 14.70 16.60
N PHE D 147 -11.57 15.39 16.07
CA PHE D 147 -11.01 15.18 14.72
C PHE D 147 -10.65 13.71 14.39
N ASP D 148 -10.47 12.86 15.39
CA ASP D 148 -10.26 11.41 15.12
C ASP D 148 -11.41 10.90 14.23
N TRP D 149 -12.59 11.54 14.29
CA TRP D 149 -13.71 11.11 13.46
C TRP D 149 -13.39 11.19 11.96
N PHE D 150 -12.52 12.13 11.59
CA PHE D 150 -12.24 12.33 10.16
C PHE D 150 -11.54 11.16 9.50
N PHE D 151 -10.78 10.39 10.29
CA PHE D 151 -10.06 9.25 9.77
C PHE D 151 -10.91 8.02 10.02
N PRO D 152 -11.42 7.39 8.96
CA PRO D 152 -12.24 6.21 9.24
C PRO D 152 -11.54 5.13 10.06
N GLU D 153 -10.21 5.10 9.99
CA GLU D 153 -9.47 4.10 10.73
C GLU D 153 -9.66 4.19 12.24
N SER D 154 -9.99 5.37 12.77
CA SER D 154 -10.17 5.49 14.21
C SER D 154 -11.34 4.63 14.68
N ALA D 155 -12.54 4.92 14.17
CA ALA D 155 -13.70 4.13 14.59
C ALA D 155 -13.55 2.68 14.19
N ARG D 156 -12.94 2.41 13.03
CA ARG D 156 -12.82 1.02 12.60
C ARG D 156 -11.96 0.22 13.57
N THR D 157 -10.87 0.83 14.02
CA THR D 157 -9.96 0.14 14.94
C THR D 157 -10.69 -0.11 16.26
N LEU D 158 -11.43 0.89 16.78
CA LEU D 158 -12.18 0.63 18.01
C LEU D 158 -13.17 -0.52 17.82
N ALA D 159 -13.89 -0.55 16.68
CA ALA D 159 -14.89 -1.60 16.47
C ALA D 159 -14.23 -2.96 16.33
N LEU D 160 -13.09 -3.00 15.65
CA LEU D 160 -12.36 -4.27 15.45
C LEU D 160 -11.93 -4.82 16.81
N LYS D 161 -11.63 -3.92 17.74
CA LYS D 161 -11.23 -4.29 19.09
C LYS D 161 -12.42 -4.60 20.02
N GLY D 162 -13.63 -4.65 19.45
CA GLY D 162 -14.81 -5.02 20.21
C GLY D 162 -15.72 -3.91 20.70
N ALA D 163 -15.40 -2.67 20.36
CA ALA D 163 -16.28 -1.58 20.84
C ALA D 163 -17.71 -1.74 20.34
N GLU D 164 -18.68 -1.60 21.25
CA GLU D 164 -20.10 -1.64 20.90
C GLU D 164 -20.68 -0.20 20.86
N ILE D 165 -20.05 0.67 21.64
CA ILE D 165 -20.42 2.09 21.69
C ILE D 165 -19.10 2.82 21.50
N ILE D 166 -19.09 3.89 20.68
CA ILE D 166 -17.88 4.70 20.61
C ILE D 166 -18.25 6.03 21.28
N ALA D 167 -17.60 6.31 22.40
CA ALA D 167 -17.81 7.56 23.14
C ALA D 167 -16.87 8.56 22.49
N HIS D 168 -17.42 9.72 22.12
CA HIS D 168 -16.69 10.69 21.31
C HIS D 168 -16.77 12.14 21.76
N PRO D 169 -15.94 12.50 22.73
CA PRO D 169 -15.88 13.88 23.23
C PRO D 169 -15.41 14.72 22.02
N ALA D 170 -16.06 15.84 21.74
CA ALA D 170 -15.68 16.67 20.61
C ALA D 170 -15.83 18.19 20.86
N ASN D 171 -15.11 19.01 20.07
CA ASN D 171 -15.26 20.50 20.09
C ASN D 171 -15.22 20.80 18.57
N LEU D 172 -16.37 20.58 17.92
CA LEU D 172 -16.48 20.68 16.46
C LEU D 172 -16.56 22.09 15.95
N VAL D 173 -15.78 22.38 14.89
CA VAL D 173 -15.85 23.71 14.28
C VAL D 173 -16.23 23.58 12.80
N PRO D 175 -18.45 21.81 9.64
CA PRO D 175 -19.87 21.39 9.65
C PRO D 175 -20.16 19.92 9.43
N TYR D 176 -19.12 19.19 9.10
CA TYR D 176 -19.24 17.81 8.67
C TYR D 176 -19.57 16.68 9.59
N ALA D 177 -19.09 16.73 10.83
CA ALA D 177 -19.25 15.55 11.67
C ALA D 177 -20.64 15.03 11.88
N PRO D 178 -21.62 15.91 12.04
CA PRO D 178 -22.98 15.40 12.25
C PRO D 178 -23.47 14.53 11.09
N ARG D 179 -23.02 14.82 9.89
CA ARG D 179 -23.36 14.02 8.72
C ARG D 179 -22.56 12.73 8.65
N ALA D 180 -21.33 12.77 9.17
CA ALA D 180 -20.45 11.62 9.12
C ALA D 180 -20.69 10.59 10.20
N PRO D 182 -23.29 9.15 11.54
CA PRO D 182 -24.19 8.02 11.29
C PRO D 182 -23.53 6.99 10.36
N ILE D 183 -22.64 7.46 9.48
CA ILE D 183 -21.94 6.56 8.57
C ILE D 183 -20.87 5.78 9.36
N ARG D 184 -20.17 6.44 10.29
CA ARG D 184 -19.19 5.74 11.14
C ARG D 184 -19.91 4.65 11.94
N ALA D 185 -21.11 4.99 12.43
CA ALA D 185 -21.88 4.02 13.21
C ALA D 185 -22.31 2.86 12.32
N LEU D 186 -22.82 3.20 11.14
CA LEU D 186 -23.27 2.14 10.22
C LEU D 186 -22.15 1.22 9.73
N GLU D 187 -21.04 1.79 9.27
CA GLU D 187 -20.00 0.99 8.62
C GLU D 187 -19.33 0.05 9.63
N ASN D 188 -19.42 0.38 10.92
CA ASN D 188 -18.88 -0.51 11.94
C ASN D 188 -19.97 -1.26 12.76
N ARG D 189 -21.24 -0.96 12.49
CA ARG D 189 -22.37 -1.49 13.25
C ARG D 189 -22.19 -1.27 14.75
N VAL D 190 -22.01 -0.01 15.11
CA VAL D 190 -21.88 0.35 16.52
C VAL D 190 -22.74 1.58 16.80
N TYR D 191 -22.92 1.86 18.08
CA TYR D 191 -23.59 3.11 18.47
C TYR D 191 -22.47 4.14 18.68
N THR D 192 -22.75 5.40 18.37
CA THR D 192 -21.77 6.45 18.59
C THR D 192 -22.46 7.54 19.40
N ILE D 193 -21.71 8.12 20.33
CA ILE D 193 -22.23 9.21 21.17
C ILE D 193 -21.20 10.34 21.03
N THR D 194 -21.57 11.38 20.27
CA THR D 194 -20.68 12.50 20.06
C THR D 194 -21.16 13.63 20.97
N ALA D 195 -20.35 13.98 21.98
CA ALA D 195 -20.70 15.05 22.90
C ALA D 195 -19.88 16.29 22.51
N ASP D 196 -20.55 17.26 21.87
CA ASP D 196 -19.89 18.49 21.44
C ASP D 196 -20.16 19.59 22.44
N ARG D 197 -19.30 20.60 22.38
CA ARG D 197 -19.54 21.79 23.17
C ARG D 197 -20.25 22.80 22.26
N VAL D 198 -20.63 23.93 22.86
CA VAL D 198 -21.26 25.06 22.15
C VAL D 198 -20.52 26.33 22.55
N GLY D 199 -20.89 27.44 21.93
CA GLY D 199 -20.28 28.74 22.27
C GLY D 199 -19.22 29.25 21.33
N GLU D 200 -18.84 30.51 21.56
CA GLU D 200 -17.77 31.16 20.81
C GLU D 200 -16.69 31.37 21.84
N GLU D 201 -15.44 31.12 21.45
CA GLU D 201 -14.34 31.26 22.38
C GLU D 201 -13.19 31.92 21.66
N ARG D 202 -12.95 33.19 22.00
CA ARG D 202 -11.86 33.92 21.37
C ARG D 202 -11.88 33.86 19.84
N GLY D 203 -13.08 34.03 19.28
CA GLY D 203 -13.28 34.06 17.84
C GLY D 203 -13.59 32.76 17.10
N LEU D 204 -13.52 31.63 17.82
CA LEU D 204 -13.77 30.31 17.27
C LEU D 204 -15.19 29.93 17.66
N LYS D 205 -16.01 29.54 16.68
CA LYS D 205 -17.38 29.14 16.97
C LYS D 205 -17.51 27.64 16.88
N PHE D 206 -18.06 27.04 17.94
CA PHE D 206 -18.29 25.59 17.96
C PHE D 206 -19.72 25.39 17.47
N ILE D 207 -19.96 24.22 16.88
CA ILE D 207 -21.25 24.03 16.25
C ILE D 207 -22.35 23.30 17.01
N GLY D 208 -22.07 22.86 18.23
CA GLY D 208 -23.09 22.12 18.95
C GLY D 208 -23.39 20.81 18.19
N LYS D 209 -24.66 20.49 18.03
CA LYS D 209 -25.05 19.27 17.31
C LYS D 209 -24.48 17.95 17.83
N SER D 210 -24.42 17.83 19.17
CA SER D 210 -24.03 16.55 19.77
C SER D 210 -25.06 15.57 19.23
N LEU D 211 -24.69 14.31 19.05
CA LEU D 211 -25.68 13.37 18.52
C LEU D 211 -25.34 11.93 18.83
N ILE D 212 -26.38 11.11 18.89
CA ILE D 212 -26.22 9.67 19.11
C ILE D 212 -26.73 8.99 17.85
N ALA D 213 -25.91 8.13 17.25
CA ALA D 213 -26.27 7.42 16.01
C ALA D 213 -26.26 5.93 16.26
N SER D 214 -27.19 5.25 15.58
CA SER D 214 -27.33 3.80 15.73
C SER D 214 -26.56 3.01 14.65
N PRO D 215 -26.45 1.68 14.81
CA PRO D 215 -25.78 0.83 13.82
C PRO D 215 -26.48 0.86 12.46
N LYS D 216 -27.71 1.40 12.40
CA LYS D 216 -28.45 1.51 11.13
C LYS D 216 -28.44 2.96 10.62
N ALA D 217 -27.44 3.72 11.06
CA ALA D 217 -27.28 5.12 10.66
C ALA D 217 -28.44 6.03 11.05
N GLU D 218 -29.19 5.63 12.07
CA GLU D 218 -30.30 6.49 12.54
C GLU D 218 -29.81 7.50 13.54
N VAL D 219 -30.25 8.75 13.39
CA VAL D 219 -29.89 9.80 14.36
C VAL D 219 -30.93 9.66 15.47
N LEU D 220 -30.52 9.09 16.61
CA LEU D 220 -31.47 8.87 17.72
C LEU D 220 -31.72 10.13 18.55
N SER D 221 -30.78 11.06 18.53
CA SER D 221 -30.95 12.32 19.25
C SER D 221 -29.90 13.28 18.69
N ILE D 222 -30.30 14.50 18.37
CA ILE D 222 -29.32 15.50 17.94
C ILE D 222 -29.64 16.79 18.67
N ALA D 223 -28.60 17.39 19.24
CA ALA D 223 -28.76 18.63 20.01
C ALA D 223 -28.76 19.92 19.19
N SER D 224 -29.12 21.03 19.85
CA SER D 224 -29.14 22.36 19.21
C SER D 224 -27.75 22.83 18.87
N GLU D 225 -27.72 23.93 18.12
CA GLU D 225 -26.49 24.55 17.71
C GLU D 225 -25.80 25.37 18.82
N THR D 226 -26.58 25.94 19.74
CA THR D 226 -25.99 26.80 20.76
C THR D 226 -26.34 26.58 22.21
N GLU D 227 -27.29 25.69 22.51
CA GLU D 227 -27.68 25.53 23.91
C GLU D 227 -27.02 24.39 24.68
N GLU D 228 -26.93 24.55 26.00
CA GLU D 228 -26.42 23.46 26.84
C GLU D 228 -27.62 22.57 27.08
N GLU D 229 -27.43 21.27 26.90
CA GLU D 229 -28.53 20.34 27.06
C GLU D 229 -27.98 18.93 27.14
N ILE D 230 -28.84 17.98 27.49
CA ILE D 230 -28.42 16.58 27.53
C ILE D 230 -29.28 15.81 26.54
N GLY D 231 -28.83 14.61 26.21
CA GLY D 231 -29.58 13.76 25.30
C GLY D 231 -29.33 12.33 25.73
N VAL D 232 -30.37 11.66 26.22
CA VAL D 232 -30.29 10.29 26.73
C VAL D 232 -31.30 9.42 25.97
N VAL D 233 -30.81 8.32 25.42
CA VAL D 233 -31.70 7.43 24.70
C VAL D 233 -31.41 5.97 25.03
N GLU D 234 -32.39 5.12 24.77
CA GLU D 234 -32.18 3.70 24.98
C GLU D 234 -31.50 3.16 23.73
N ILE D 235 -30.52 2.27 23.93
CA ILE D 235 -29.85 1.63 22.79
C ILE D 235 -29.89 0.11 22.98
N ASP D 236 -29.90 -0.63 21.87
CA ASP D 236 -29.98 -2.09 21.92
C ASP D 236 -28.63 -2.64 21.51
N LEU D 237 -27.83 -3.04 22.52
CA LEU D 237 -26.50 -3.51 22.25
C LEU D 237 -26.43 -4.75 21.34
N ASN D 238 -27.53 -5.48 21.24
CA ASN D 238 -27.55 -6.66 20.38
C ASN D 238 -27.34 -6.23 18.94
N LEU D 239 -27.82 -5.03 18.60
CA LEU D 239 -27.67 -4.52 17.23
C LEU D 239 -26.21 -4.14 16.93
N ALA D 240 -25.41 -3.91 17.97
CA ALA D 240 -23.99 -3.59 17.76
C ALA D 240 -23.15 -4.87 17.74
N ARG D 241 -23.56 -5.90 18.48
CA ARG D 241 -22.76 -7.14 18.49
C ARG D 241 -22.99 -7.98 17.26
N ASN D 242 -24.20 -7.90 16.71
CA ASN D 242 -24.52 -8.68 15.51
C ASN D 242 -24.05 -7.94 14.25
N LYS D 243 -22.97 -8.42 13.64
CA LYS D 243 -22.43 -7.77 12.45
C LYS D 243 -23.01 -8.30 11.16
N ARG D 244 -24.01 -9.17 11.23
CA ARG D 244 -24.59 -9.70 9.99
C ARG D 244 -25.56 -8.72 9.36
N LEU D 245 -25.26 -8.26 8.14
CA LEU D 245 -26.12 -7.34 7.41
C LEU D 245 -27.31 -8.11 6.85
N ASN D 246 -27.04 -9.33 6.43
CA ASN D 246 -28.05 -10.22 5.88
C ASN D 246 -27.46 -11.60 6.07
N ASP D 247 -28.20 -12.62 5.65
CA ASP D 247 -27.80 -14.01 5.81
C ASP D 247 -26.47 -14.42 5.20
N ASN D 249 -23.83 -11.95 4.53
CA ASN D 249 -22.80 -10.92 4.74
C ASN D 249 -22.62 -10.53 6.19
N ASP D 250 -21.45 -10.82 6.75
CA ASP D 250 -21.14 -10.39 8.12
C ASP D 250 -20.06 -9.34 7.89
N ILE D 251 -20.32 -8.11 8.33
CA ILE D 251 -19.38 -7.02 8.06
C ILE D 251 -17.93 -7.28 8.36
N PHE D 252 -17.64 -7.77 9.55
CA PHE D 252 -16.24 -7.99 9.84
C PHE D 252 -15.65 -9.27 9.24
N LYS D 253 -16.47 -10.31 9.08
CA LYS D 253 -15.92 -11.52 8.45
C LYS D 253 -15.70 -11.26 6.96
N ASP D 254 -16.43 -10.28 6.40
CA ASP D 254 -16.31 -9.94 4.96
C ASP D 254 -15.09 -9.09 4.63
N ARG D 255 -14.49 -8.50 5.64
CA ARG D 255 -13.30 -7.67 5.39
C ARG D 255 -12.20 -8.55 4.80
N ARG D 256 -11.43 -7.99 3.87
CA ARG D 256 -10.34 -8.71 3.22
C ARG D 256 -9.12 -7.78 3.36
N GLU D 257 -8.56 -7.76 4.57
CA GLU D 257 -7.46 -6.87 4.93
C GLU D 257 -6.22 -6.96 4.06
N GLU D 258 -5.98 -8.12 3.47
CA GLU D 258 -4.81 -8.26 2.61
C GLU D 258 -4.81 -7.31 1.42
N TYR D 259 -5.99 -6.81 1.01
CA TYR D 259 -6.05 -5.88 -0.11
C TYR D 259 -6.09 -4.41 0.32
N TYR D 260 -6.09 -4.16 1.62
CA TYR D 260 -6.18 -2.78 2.11
C TYR D 260 -4.82 -2.15 2.24
N PHE D 261 -4.76 -0.87 1.93
CA PHE D 261 -3.49 -0.14 1.97
C PHE D 261 -2.81 -0.06 3.31
N ARG D 262 -1.47 -0.21 3.29
CA ARG D 262 -0.66 0.04 4.49
C ARG D 262 0.75 0.48 4.02
#